data_7FIV
#
_entry.id   7FIV
#
_cell.length_a   181.577
_cell.length_b   181.577
_cell.length_c   54.596
_cell.angle_alpha   90.000
_cell.angle_beta   90.000
_cell.angle_gamma   90.000
#
_symmetry.space_group_name_H-M   'P 41'
#
loop_
_entity.id
_entity.type
_entity.pdbx_description
1 polymer 'CidA_I gamma/2 protein'
2 polymer 'CidB_I b/2 protein'
3 water water
#
loop_
_entity_poly.entity_id
_entity_poly.type
_entity_poly.pdbx_seq_one_letter_code
_entity_poly.pdbx_strand_id
1 'polypeptide(L)'
;MPTQKELRDTMSKKLQEAIKHPDPAVVAGRKSAIKRWVGVLQDNFMEHIKYFKGDKLKFLHNVFQDEGCWSGVRLDNAAL
GQRFTEEKIGGIDNPLRKYEMACSYCVVDKIHPLFQKRFESYRNKFPPGAFDGKTETEFGKYVRNSLLDSIKRKGPVFDF
WIDRESGELKKYDAVEGFDSAVKFKWSEGVEYFYNHLKEEDKEKKLTEAILALSRVQSVEKDAPILDFCVNKIVDKDTLL
QKLSQKDKGVYSLFVELIESCFFDTVHDLVQCWCYKEVSAGGDHSEKIFSQRDYELFLSSLSDTMLKNPELSVQARSLIM
EFWECGSLYQYRKAAVNTSNYTVPTSGVFAELIVNWRREDIYKTDEEKEIEKKEILDMMSFAKDCFPEKFELFKKLIIRD
LRLCGREGKRVNVDYGLFAEELFSELEKTILPPGPVGDGPCSNLRSRSKAHGSKKTTLPVDDSPQSELGTPSVSGVSSYK
KKSVFTLSGNKLEHHHHHH
;
A
2 'polypeptide(L)'
;MSNGDGLIRSLVDGDLEGFRQGFESFLDQCPSFLYHVSAGRFLPVFFFSMFSTAHDANILNANERVYFRFDNHGVNPRNG
ENRNTANLKVAVYRDGQQVVRCYSISDRPNSDGLRFSTRERNALVQEIRRQNPNLREEDLNFEQYKVCMHGKGKSQGEAI
ATVFEVIREKDRQGRDKFAKYSASEINLIRRLLGDHRLTIKEIEGRQLNQNQLRQLGRLVNFAQVAQGQQGIDNFMEMLA
SDRRQDVRDRIRREILPYITDIYNNYRQVLENNIENRNQRFEGHGFLLGFLANFSHRYTIGVDLDLSPRNSHVAFLVRHQ
VERENIPIVINLATRAPPYIALNRARSHAERLHVFSFIPIHTESRNTVCVGLNFNLNLDPFSVDTVGLQQDRFPLVQRLF
ECLENEGIRENIRDFLLHHLPAEIPRNAENYDRIFDCITGFAFGNSAFDRHPLELEEEDEAPITKYIFRHGDEGLRCLTM
VFHAEGSDIVILHIRAHDAQQQGAINLQTLNVNGNDVHVWEVSCTLNNQLELDIDLPNDLGLYHDYQNNNANNFLAGDLV
QVPNTENVHNTLNQVVNDGWKNIAQHRGLFQEISGALMPLVDTINVNSEDKFRSILHGTFYASDNPYKVLAMYKVGQTYS
LKRGQEEEGERVILTRITEQRLDLLLLRQPRENDLDTHPIGYVLRLANNAEEVGQQQNDARQEIGRLKKQHRGFIPITSG
NEVVLFPIVFNRDAHEAGNLILFPEGIGREEHVHRLDRHVRLEHHHHHH
;
B
#
# COMPACT_ATOMS: atom_id res chain seq x y z
N PRO A 2 -0.99 10.33 14.04
CA PRO A 2 0.11 9.59 13.45
C PRO A 2 -0.36 8.35 12.76
N THR A 3 0.55 7.49 12.37
CA THR A 3 0.18 6.23 11.77
C THR A 3 -0.29 5.29 12.85
N GLN A 4 -1.02 4.27 12.45
CA GLN A 4 -1.52 3.30 13.41
C GLN A 4 -0.39 2.56 14.11
N LYS A 5 0.70 2.27 13.40
CA LYS A 5 1.85 1.65 14.02
C LYS A 5 2.42 2.53 15.10
N GLU A 6 2.47 3.83 14.84
CA GLU A 6 3.02 4.74 15.80
C GLU A 6 2.15 4.87 17.03
N LEU A 7 0.85 4.89 16.85
CA LEU A 7 -0.05 4.90 18.02
C LEU A 7 0.10 3.63 18.84
N ARG A 8 0.39 2.50 18.18
CA ARG A 8 0.59 1.25 18.91
C ARG A 8 1.82 1.33 19.80
N ASP A 9 2.91 1.91 19.29
CA ASP A 9 4.16 1.96 20.05
C ASP A 9 4.08 2.97 21.19
N THR A 10 3.38 4.10 20.96
CA THR A 10 3.18 5.05 22.05
C THR A 10 2.42 4.41 23.21
N MET A 11 1.46 3.54 22.90
CA MET A 11 0.78 2.79 23.94
C MET A 11 1.63 1.65 24.47
N SER A 12 2.42 1.02 23.60
CA SER A 12 3.32 -0.05 24.04
C SER A 12 4.36 0.49 24.99
N LYS A 13 5.01 1.61 24.63
CA LYS A 13 6.05 2.18 25.48
C LYS A 13 5.49 2.70 26.79
N LYS A 14 4.28 3.25 26.78
CA LYS A 14 3.68 3.73 28.01
C LYS A 14 3.33 2.58 28.94
N LEU A 15 2.79 1.49 28.39
CA LEU A 15 2.47 0.33 29.21
C LEU A 15 3.72 -0.40 29.69
N GLN A 16 4.87 -0.18 29.03
CA GLN A 16 6.11 -0.81 29.44
C GLN A 16 6.72 -0.18 30.68
N GLU A 17 6.23 0.98 31.10
CA GLU A 17 6.75 1.63 32.31
C GLU A 17 6.40 0.82 33.55
N ALA A 18 5.27 0.11 33.53
CA ALA A 18 4.84 -0.65 34.70
C ALA A 18 5.73 -1.85 34.98
N ILE A 19 6.43 -2.36 33.97
CA ILE A 19 7.23 -3.57 34.13
C ILE A 19 8.43 -3.24 35.01
N LYS A 20 8.54 -3.92 36.15
CA LYS A 20 9.67 -3.70 37.06
C LYS A 20 10.11 -5.02 37.69
N HIS A 21 11.31 -5.45 37.34
CA HIS A 21 11.81 -6.70 37.85
C HIS A 21 13.34 -6.55 38.05
N PRO A 22 13.93 -7.29 39.00
CA PRO A 22 15.38 -7.23 39.16
C PRO A 22 16.22 -7.67 37.98
N ASP A 23 15.84 -8.73 37.27
CA ASP A 23 16.65 -9.23 36.18
C ASP A 23 16.38 -8.46 34.92
N PRO A 24 17.42 -7.87 34.34
CA PRO A 24 17.26 -7.12 33.10
C PRO A 24 16.71 -7.96 31.95
N ALA A 25 17.04 -9.23 31.92
CA ALA A 25 16.52 -10.13 30.89
C ALA A 25 15.02 -10.35 31.03
N VAL A 26 14.50 -10.35 32.26
CA VAL A 26 13.06 -10.54 32.46
C VAL A 26 12.29 -9.29 32.09
N VAL A 27 12.79 -8.14 32.49
CA VAL A 27 12.14 -6.89 32.20
C VAL A 27 12.00 -6.70 30.72
N ALA A 28 13.03 -7.06 29.99
CA ALA A 28 13.06 -6.84 28.55
C ALA A 28 12.29 -7.91 27.79
N GLY A 29 12.22 -9.13 28.33
CA GLY A 29 11.36 -10.13 27.74
C GLY A 29 9.90 -9.86 28.00
N ARG A 30 9.57 -9.33 29.19
CA ARG A 30 8.20 -8.95 29.48
C ARG A 30 7.79 -7.72 28.69
N LYS A 31 8.74 -6.84 28.36
CA LYS A 31 8.43 -5.70 27.49
C LYS A 31 7.99 -6.17 26.11
N SER A 32 8.64 -7.23 25.59
CA SER A 32 8.20 -7.80 24.33
C SER A 32 6.78 -8.34 24.41
N ALA A 33 6.41 -8.93 25.56
CA ALA A 33 5.05 -9.41 25.74
C ALA A 33 4.04 -8.28 25.74
N ILE A 34 4.43 -7.10 26.25
CA ILE A 34 3.55 -5.94 26.18
C ILE A 34 3.31 -5.55 24.72
N LYS A 35 4.38 -5.55 23.91
CA LYS A 35 4.23 -5.25 22.50
C LYS A 35 3.38 -6.30 21.80
N ARG A 36 3.52 -7.56 22.20
CA ARG A 36 2.66 -8.61 21.66
C ARG A 36 1.21 -8.40 22.06
N TRP A 37 0.99 -8.01 23.32
CA TRP A 37 -0.37 -7.80 23.81
C TRP A 37 -1.03 -6.60 23.12
N VAL A 38 -0.29 -5.50 22.96
CA VAL A 38 -0.84 -4.34 22.29
C VAL A 38 -0.89 -4.56 20.78
N GLY A 39 0.08 -5.28 20.24
CA GLY A 39 0.17 -5.52 18.81
C GLY A 39 1.29 -4.69 18.22
N VAL A 40 2.06 -5.30 17.32
CA VAL A 40 3.19 -4.62 16.69
C VAL A 40 2.82 -4.24 15.26
N LEU A 41 2.77 -5.24 14.37
CA LEU A 41 2.44 -4.96 12.98
C LEU A 41 0.94 -4.80 12.75
N GLN A 42 0.10 -5.31 13.66
CA GLN A 42 -1.34 -5.13 13.56
CA GLN A 42 -1.33 -5.15 13.57
C GLN A 42 -1.90 -4.95 14.97
N ASP A 43 -3.13 -4.45 15.02
CA ASP A 43 -3.77 -4.21 16.31
C ASP A 43 -4.13 -5.52 16.98
N ASN A 44 -3.88 -5.59 18.30
CA ASN A 44 -4.32 -6.71 19.10
C ASN A 44 -5.28 -6.15 20.15
N PHE A 45 -4.82 -5.91 21.37
CA PHE A 45 -5.65 -5.29 22.39
C PHE A 45 -5.61 -3.76 22.33
N MET A 46 -4.91 -3.20 21.35
CA MET A 46 -4.93 -1.75 21.16
C MET A 46 -6.34 -1.26 20.83
N GLU A 47 -7.15 -2.11 20.21
CA GLU A 47 -8.52 -1.73 19.85
C GLU A 47 -9.30 -1.27 21.07
N HIS A 48 -9.06 -1.89 22.23
CA HIS A 48 -9.80 -1.58 23.43
C HIS A 48 -9.20 -0.45 24.25
N ILE A 49 -7.90 -0.21 24.12
CA ILE A 49 -7.19 0.73 24.97
C ILE A 49 -6.69 1.94 24.18
N LYS A 50 -7.19 2.14 22.97
CA LYS A 50 -6.67 3.21 22.11
C LYS A 50 -6.82 4.58 22.76
N TYR A 51 -7.97 4.84 23.39
CA TYR A 51 -8.26 6.15 23.96
C TYR A 51 -8.00 6.22 25.45
N PHE A 52 -7.44 5.17 26.04
CA PHE A 52 -7.22 5.15 27.48
C PHE A 52 -6.23 6.24 27.89
N LYS A 53 -6.63 7.05 28.87
CA LYS A 53 -5.83 8.17 29.32
C LYS A 53 -5.97 8.33 30.83
N GLY A 54 -4.88 8.74 31.47
CA GLY A 54 -4.90 9.03 32.89
C GLY A 54 -5.14 7.82 33.77
N ASP A 55 -6.25 7.85 34.53
CA ASP A 55 -6.53 6.76 35.46
C ASP A 55 -6.86 5.46 34.73
N LYS A 56 -7.37 5.55 33.50
CA LYS A 56 -7.59 4.35 32.70
C LYS A 56 -6.26 3.62 32.44
N LEU A 57 -5.20 4.38 32.15
CA LEU A 57 -3.90 3.77 31.97
C LEU A 57 -3.29 3.32 33.29
N LYS A 58 -3.64 3.99 34.39
CA LYS A 58 -3.13 3.57 35.70
C LYS A 58 -3.70 2.22 36.10
N PHE A 59 -4.87 1.86 35.57
CA PHE A 59 -5.43 0.54 35.82
C PHE A 59 -4.58 -0.54 35.15
N LEU A 60 -4.26 -0.35 33.87
CA LEU A 60 -3.38 -1.29 33.18
C LEU A 60 -1.98 -1.26 33.76
N HIS A 61 -1.54 -0.11 34.26
CA HIS A 61 -0.24 -0.03 34.93
C HIS A 61 -0.21 -0.92 36.16
N ASN A 62 -1.31 -0.96 36.92
CA ASN A 62 -1.36 -1.79 38.11
C ASN A 62 -1.47 -3.27 37.76
N VAL A 63 -2.06 -3.60 36.61
CA VAL A 63 -2.23 -5.00 36.24
C VAL A 63 -0.89 -5.60 35.83
N PHE A 64 -0.19 -4.95 34.91
CA PHE A 64 1.05 -5.51 34.38
C PHE A 64 2.21 -5.45 35.38
N GLN A 65 2.14 -4.56 36.37
CA GLN A 65 3.18 -4.50 37.39
C GLN A 65 2.98 -5.57 38.47
N ASP A 66 1.89 -6.31 38.43
CA ASP A 66 1.63 -7.39 39.39
C ASP A 66 2.39 -8.65 38.97
N GLU A 67 3.09 -9.26 39.93
CA GLU A 67 3.81 -10.50 39.63
C GLU A 67 2.85 -11.64 39.33
N GLY A 68 1.63 -11.58 39.86
CA GLY A 68 0.69 -12.67 39.66
C GLY A 68 0.17 -12.75 38.24
N CYS A 69 0.18 -11.65 37.50
CA CYS A 69 -0.25 -11.64 36.11
C CYS A 69 0.84 -12.12 35.16
N TRP A 70 1.99 -12.54 35.67
CA TRP A 70 3.11 -12.97 34.85
C TRP A 70 3.47 -14.42 35.16
N SER A 71 4.09 -15.08 34.18
CA SER A 71 4.63 -16.43 34.33
C SER A 71 5.95 -16.44 33.55
N GLY A 72 7.01 -16.00 34.21
CA GLY A 72 8.28 -15.81 33.55
C GLY A 72 8.32 -14.54 32.74
N VAL A 73 8.29 -14.68 31.40
CA VAL A 73 8.23 -13.54 30.51
C VAL A 73 6.94 -13.48 29.73
N ARG A 74 6.00 -14.39 29.98
CA ARG A 74 4.71 -14.42 29.32
C ARG A 74 3.60 -14.03 30.29
N LEU A 75 2.50 -13.56 29.73
CA LEU A 75 1.37 -13.13 30.53
C LEU A 75 0.54 -14.32 31.00
N ASP A 76 0.16 -14.29 32.28
CA ASP A 76 -0.72 -15.31 32.84
C ASP A 76 -2.15 -14.96 32.44
N ASN A 77 -2.68 -15.69 31.46
CA ASN A 77 -4.00 -15.35 30.91
C ASN A 77 -5.10 -15.52 31.94
N ALA A 78 -4.98 -16.53 32.81
CA ALA A 78 -6.00 -16.72 33.85
C ALA A 78 -6.03 -15.55 34.81
N ALA A 79 -4.84 -15.09 35.24
CA ALA A 79 -4.78 -13.94 36.14
C ALA A 79 -5.33 -12.69 35.47
N LEU A 80 -4.97 -12.46 34.21
CA LEU A 80 -5.49 -11.31 33.47
C LEU A 80 -7.01 -11.39 33.34
N GLY A 81 -7.54 -12.59 33.11
CA GLY A 81 -8.98 -12.73 32.92
C GLY A 81 -9.78 -12.29 34.13
N GLN A 82 -9.30 -12.62 35.33
CA GLN A 82 -10.01 -12.22 36.54
CA GLN A 82 -10.01 -12.22 36.54
C GLN A 82 -9.81 -10.73 36.82
N ARG A 83 -8.61 -10.21 36.56
CA ARG A 83 -8.36 -8.78 36.78
C ARG A 83 -9.18 -7.94 35.82
N PHE A 84 -9.19 -8.30 34.54
CA PHE A 84 -9.91 -7.54 33.53
C PHE A 84 -11.43 -7.70 33.64
N THR A 85 -11.91 -8.51 34.58
CA THR A 85 -13.34 -8.64 34.82
C THR A 85 -13.73 -8.16 36.22
N GLU A 86 -12.80 -7.59 36.98
CA GLU A 86 -13.13 -7.02 38.27
C GLU A 86 -13.78 -5.65 38.08
N GLU A 87 -14.58 -5.25 39.07
CA GLU A 87 -15.20 -3.92 39.01
C GLU A 87 -14.18 -2.82 39.26
N LYS A 88 -13.22 -3.07 40.16
CA LYS A 88 -12.16 -2.12 40.45
C LYS A 88 -11.06 -2.84 41.22
N ILE A 89 -9.80 -2.52 40.88
CA ILE A 89 -8.65 -3.03 41.61
C ILE A 89 -7.78 -1.85 42.00
N GLY A 90 -7.18 -1.93 43.18
CA GLY A 90 -6.36 -0.84 43.68
C GLY A 90 -7.09 0.48 43.83
N GLY A 91 -8.41 0.42 44.05
CA GLY A 91 -9.22 1.62 44.13
C GLY A 91 -9.54 2.28 42.81
N ILE A 92 -8.96 1.81 41.72
CA ILE A 92 -9.19 2.38 40.39
C ILE A 92 -10.24 1.56 39.67
N ASP A 93 -11.23 2.24 39.11
CA ASP A 93 -12.28 1.54 38.38
C ASP A 93 -11.71 0.84 37.14
N ASN A 94 -12.47 -0.14 36.65
CA ASN A 94 -12.06 -0.91 35.48
C ASN A 94 -12.49 -0.17 34.22
N PRO A 95 -11.57 0.37 33.42
CA PRO A 95 -11.96 1.10 32.21
C PRO A 95 -12.29 0.21 31.02
N LEU A 96 -12.03 -1.10 31.12
CA LEU A 96 -12.27 -2.00 30.00
C LEU A 96 -13.72 -2.43 29.96
N ARG A 97 -14.16 -2.88 28.78
CA ARG A 97 -15.48 -3.45 28.60
C ARG A 97 -15.46 -4.89 29.10
N LYS A 98 -16.13 -5.14 30.22
CA LYS A 98 -15.93 -6.40 30.94
C LYS A 98 -16.43 -7.59 30.14
N TYR A 99 -17.54 -7.45 29.42
CA TYR A 99 -18.04 -8.56 28.62
C TYR A 99 -17.03 -8.95 27.55
N GLU A 100 -16.46 -7.98 26.85
CA GLU A 100 -15.45 -8.27 25.84
C GLU A 100 -14.22 -8.92 26.45
N MET A 101 -13.88 -8.56 27.70
CA MET A 101 -12.74 -9.19 28.36
C MET A 101 -13.07 -10.59 28.84
N ALA A 102 -14.30 -10.82 29.32
CA ALA A 102 -14.69 -12.15 29.74
C ALA A 102 -14.70 -13.13 28.56
N CYS A 103 -15.09 -12.65 27.38
CA CYS A 103 -15.06 -13.49 26.19
C CYS A 103 -13.62 -13.81 25.79
N SER A 104 -12.77 -12.78 25.75
CA SER A 104 -11.41 -12.97 25.23
C SER A 104 -10.59 -13.90 26.09
N TYR A 105 -10.77 -13.83 27.42
CA TYR A 105 -9.98 -14.62 28.34
C TYR A 105 -10.76 -15.82 28.89
N CYS A 106 -11.91 -16.15 28.30
CA CYS A 106 -12.64 -17.38 28.60
C CYS A 106 -13.06 -17.46 30.07
N VAL A 107 -13.48 -16.32 30.63
CA VAL A 107 -14.07 -16.32 31.95
C VAL A 107 -15.53 -16.72 31.81
N VAL A 108 -15.75 -18.00 31.56
CA VAL A 108 -17.09 -18.50 31.25
C VAL A 108 -18.17 -18.36 32.30
N ASP A 109 -17.79 -18.16 33.53
CA ASP A 109 -18.78 -17.92 34.56
C ASP A 109 -19.36 -16.51 34.50
N LYS A 110 -18.64 -15.56 33.91
CA LYS A 110 -19.06 -14.17 33.88
C LYS A 110 -19.53 -13.70 32.50
N ILE A 111 -19.39 -14.51 31.48
CA ILE A 111 -19.73 -14.05 30.14
C ILE A 111 -21.20 -13.74 30.02
N HIS A 112 -22.05 -14.67 30.45
CA HIS A 112 -23.49 -14.46 30.30
C HIS A 112 -24.01 -13.32 31.17
N PRO A 113 -23.72 -13.26 32.48
CA PRO A 113 -24.25 -12.13 33.27
C PRO A 113 -23.76 -10.78 32.80
N LEU A 114 -22.53 -10.69 32.27
CA LEU A 114 -22.04 -9.42 31.76
C LEU A 114 -22.73 -9.06 30.45
N PHE A 115 -23.04 -10.04 29.61
CA PHE A 115 -23.73 -9.77 28.36
C PHE A 115 -25.16 -9.34 28.62
N GLN A 116 -25.83 -9.94 29.60
CA GLN A 116 -27.20 -9.57 29.91
C GLN A 116 -27.29 -8.12 30.37
N LYS A 117 -26.29 -7.67 31.13
CA LYS A 117 -26.25 -6.26 31.55
C LYS A 117 -26.18 -5.34 30.33
N ARG A 118 -25.36 -5.69 29.36
CA ARG A 118 -25.26 -4.89 28.18
C ARG A 118 -26.51 -5.00 27.34
N PHE A 119 -27.13 -6.16 27.34
CA PHE A 119 -28.34 -6.37 26.56
C PHE A 119 -29.51 -5.59 27.15
N GLU A 120 -29.64 -5.56 28.47
CA GLU A 120 -30.76 -4.87 29.10
C GLU A 120 -30.67 -3.37 28.90
N SER A 121 -29.48 -2.79 29.14
CA SER A 121 -29.31 -1.36 28.97
C SER A 121 -29.44 -0.92 27.51
N TYR A 122 -29.18 -1.83 26.56
CA TYR A 122 -29.36 -1.50 25.16
C TYR A 122 -30.81 -1.65 24.71
N ARG A 123 -31.55 -2.58 25.29
CA ARG A 123 -32.95 -2.76 24.95
C ARG A 123 -33.79 -1.62 25.46
N ASN A 124 -33.48 -1.15 26.65
CA ASN A 124 -34.26 -0.08 27.28
C ASN A 124 -34.16 1.24 26.54
N LYS A 125 -33.34 1.33 25.50
CA LYS A 125 -33.19 2.55 24.72
C LYS A 125 -34.05 2.56 23.46
N PHE A 126 -35.01 1.63 23.36
CA PHE A 126 -35.91 1.52 22.23
C PHE A 126 -37.32 1.90 22.63
N PRO A 127 -38.15 2.34 21.66
CA PRO A 127 -39.57 2.65 21.92
C PRO A 127 -40.33 1.51 22.58
N GLY A 133 -45.41 -4.10 16.60
CA GLY A 133 -45.44 -4.78 15.32
C GLY A 133 -44.60 -6.02 15.38
N LYS A 134 -43.78 -6.12 16.41
CA LYS A 134 -42.96 -7.31 16.58
C LYS A 134 -43.13 -7.84 17.99
N THR A 135 -43.16 -9.16 18.13
CA THR A 135 -43.31 -9.77 19.44
C THR A 135 -42.17 -9.34 20.36
N GLU A 136 -42.49 -9.18 21.65
CA GLU A 136 -41.46 -8.83 22.63
C GLU A 136 -40.34 -9.85 22.63
N THR A 137 -40.68 -11.13 22.42
CA THR A 137 -39.65 -12.15 22.28
C THR A 137 -38.86 -11.96 20.99
N GLU A 138 -39.55 -11.65 19.89
CA GLU A 138 -38.85 -11.41 18.63
C GLU A 138 -38.06 -10.11 18.68
N PHE A 139 -38.57 -9.09 19.37
CA PHE A 139 -37.82 -7.85 19.55
C PHE A 139 -36.53 -8.10 20.34
N GLY A 140 -36.61 -8.91 21.38
CA GLY A 140 -35.41 -9.25 22.13
C GLY A 140 -34.40 -10.02 21.30
N LYS A 141 -34.89 -10.90 20.43
CA LYS A 141 -34.01 -11.58 19.49
C LYS A 141 -33.38 -10.60 18.52
N TYR A 142 -34.13 -9.57 18.12
CA TYR A 142 -33.59 -8.54 17.24
C TYR A 142 -32.56 -7.68 17.97
N VAL A 143 -32.86 -7.27 19.20
CA VAL A 143 -31.94 -6.45 19.97
C VAL A 143 -30.67 -7.23 20.29
N ARG A 144 -30.81 -8.52 20.59
CA ARG A 144 -29.64 -9.36 20.83
C ARG A 144 -28.78 -9.47 19.58
N ASN A 145 -29.41 -9.63 18.42
CA ASN A 145 -28.67 -9.75 17.16
C ASN A 145 -27.97 -8.44 16.82
N SER A 146 -28.66 -7.31 17.02
CA SER A 146 -28.04 -6.02 16.73
C SER A 146 -26.87 -5.73 17.67
N LEU A 147 -27.00 -6.10 18.94
CA LEU A 147 -25.93 -5.85 19.90
C LEU A 147 -24.72 -6.74 19.61
N LEU A 148 -24.96 -8.03 19.37
CA LEU A 148 -23.86 -8.95 19.12
C LEU A 148 -23.15 -8.62 17.81
N ASP A 149 -23.89 -8.16 16.80
CA ASP A 149 -23.27 -7.79 15.54
C ASP A 149 -22.41 -6.53 15.69
N SER A 150 -22.79 -5.63 16.59
CA SER A 150 -21.99 -4.45 16.83
C SER A 150 -20.68 -4.80 17.47
N ILE A 151 -20.73 -5.58 18.52
CA ILE A 151 -19.50 -5.96 19.21
C ILE A 151 -18.66 -6.91 18.35
N LYS A 152 -19.30 -7.68 17.47
CA LYS A 152 -18.57 -8.59 16.59
C LYS A 152 -17.62 -7.85 15.65
N ARG A 153 -17.81 -6.53 15.48
CA ARG A 153 -16.93 -5.76 14.61
C ARG A 153 -15.49 -5.82 15.09
N LYS A 154 -15.27 -6.05 16.38
CA LYS A 154 -13.94 -6.11 16.95
C LYS A 154 -13.35 -7.50 16.95
N GLY A 155 -14.10 -8.52 16.55
CA GLY A 155 -13.59 -9.87 16.49
C GLY A 155 -14.65 -10.93 16.65
N PRO A 156 -14.39 -12.13 16.13
CA PRO A 156 -15.38 -13.22 16.22
C PRO A 156 -15.50 -13.82 17.62
N VAL A 157 -14.57 -13.51 18.52
CA VAL A 157 -14.66 -14.04 19.88
C VAL A 157 -15.91 -13.52 20.59
N PHE A 158 -16.30 -12.28 20.28
CA PHE A 158 -17.44 -11.64 20.92
C PHE A 158 -18.78 -12.14 20.40
N ASP A 159 -18.78 -13.03 19.41
CA ASP A 159 -19.98 -13.69 18.94
C ASP A 159 -19.98 -15.17 19.27
N PHE A 160 -19.01 -15.63 20.05
CA PHE A 160 -18.72 -17.06 20.22
C PHE A 160 -19.52 -17.69 21.35
N TRP A 161 -19.72 -16.98 22.45
CA TRP A 161 -20.23 -17.59 23.68
C TRP A 161 -21.74 -17.45 23.86
N ILE A 162 -22.41 -16.59 23.09
CA ILE A 162 -23.81 -16.28 23.32
C ILE A 162 -24.62 -16.81 22.14
N ASP A 163 -25.61 -17.65 22.43
CA ASP A 163 -26.53 -18.11 21.40
C ASP A 163 -27.44 -16.96 20.97
N ARG A 164 -27.61 -16.81 19.66
CA ARG A 164 -28.38 -15.69 19.13
C ARG A 164 -29.88 -15.96 19.14
N GLU A 165 -30.31 -17.21 19.19
CA GLU A 165 -31.72 -17.54 19.20
C GLU A 165 -32.32 -17.53 20.60
N SER A 166 -31.61 -18.09 21.58
CA SER A 166 -32.12 -18.18 22.94
C SER A 166 -31.47 -17.19 23.89
N GLY A 167 -30.27 -16.70 23.58
CA GLY A 167 -29.54 -15.84 24.48
C GLY A 167 -28.73 -16.55 25.54
N GLU A 168 -28.82 -17.88 25.62
CA GLU A 168 -28.11 -18.63 26.62
C GLU A 168 -26.63 -18.73 26.27
N LEU A 169 -25.81 -18.99 27.29
CA LEU A 169 -24.37 -19.15 27.08
C LEU A 169 -24.12 -20.44 26.36
N LYS A 170 -23.34 -20.38 25.31
CA LYS A 170 -23.05 -21.57 24.54
C LYS A 170 -21.97 -22.40 25.23
N LYS A 171 -22.12 -23.73 25.13
CA LYS A 171 -21.12 -24.67 25.62
C LYS A 171 -20.49 -25.39 24.45
N TYR A 172 -19.18 -25.57 24.53
CA TYR A 172 -18.46 -26.17 23.42
C TYR A 172 -17.60 -27.35 23.78
N ASP A 173 -17.49 -28.31 22.87
CA ASP A 173 -16.60 -29.42 23.08
C ASP A 173 -15.25 -28.85 22.93
N ALA A 174 -14.28 -29.41 23.62
CA ALA A 174 -12.95 -28.88 23.57
C ALA A 174 -12.36 -28.97 22.20
N VAL A 175 -12.64 -30.04 21.48
CA VAL A 175 -12.13 -30.17 20.14
C VAL A 175 -12.66 -29.06 19.27
N GLU A 176 -13.94 -28.74 19.42
CA GLU A 176 -14.53 -27.72 18.59
C GLU A 176 -14.02 -26.34 18.97
N GLY A 177 -13.96 -26.06 20.25
CA GLY A 177 -13.42 -24.77 20.65
C GLY A 177 -11.95 -24.60 20.30
N PHE A 178 -11.18 -25.68 20.36
CA PHE A 178 -9.77 -25.61 19.98
C PHE A 178 -9.61 -25.31 18.50
N ASP A 179 -10.35 -26.01 17.64
CA ASP A 179 -10.29 -25.74 16.21
C ASP A 179 -10.80 -24.35 15.88
N SER A 180 -11.76 -23.85 16.66
CA SER A 180 -12.28 -22.51 16.42
C SER A 180 -11.28 -21.45 16.85
N ALA A 181 -10.58 -21.68 17.96
CA ALA A 181 -9.61 -20.69 18.44
C ALA A 181 -8.41 -20.58 17.52
N VAL A 182 -8.02 -21.69 16.87
CA VAL A 182 -6.95 -21.62 15.87
C VAL A 182 -7.43 -20.87 14.64
N LYS A 183 -8.64 -21.19 14.18
CA LYS A 183 -9.22 -20.48 13.04
C LYS A 183 -9.39 -18.99 13.35
N PHE A 184 -9.73 -18.67 14.60
CA PHE A 184 -9.86 -17.28 15.01
C PHE A 184 -8.53 -16.62 15.31
N LYS A 185 -7.43 -17.38 15.29
CA LYS A 185 -6.12 -16.88 15.72
C LYS A 185 -6.20 -16.33 17.14
N TRP A 186 -6.88 -17.08 17.99
CA TRP A 186 -7.27 -16.65 19.33
C TRP A 186 -6.33 -17.32 20.33
N SER A 187 -5.30 -16.57 20.74
CA SER A 187 -4.26 -17.14 21.60
C SER A 187 -4.82 -17.64 22.91
N GLU A 188 -5.58 -16.79 23.61
CA GLU A 188 -6.11 -17.17 24.91
C GLU A 188 -7.10 -18.33 24.79
N GLY A 189 -7.87 -18.37 23.70
CA GLY A 189 -8.81 -19.46 23.51
C GLY A 189 -8.14 -20.79 23.26
N VAL A 190 -6.97 -20.78 22.60
CA VAL A 190 -6.25 -22.02 22.34
C VAL A 190 -5.81 -22.66 23.65
N GLU A 191 -5.42 -21.83 24.62
CA GLU A 191 -4.96 -22.36 25.91
C GLU A 191 -6.12 -22.92 26.73
N TYR A 192 -7.27 -22.27 26.70
CA TYR A 192 -8.41 -22.70 27.52
C TYR A 192 -8.88 -24.08 27.10
N PHE A 193 -9.10 -24.29 25.80
CA PHE A 193 -9.67 -25.56 25.35
C PHE A 193 -8.64 -26.69 25.38
N TYR A 194 -7.35 -26.36 25.31
CA TYR A 194 -6.33 -27.39 25.44
C TYR A 194 -6.42 -28.09 26.79
N ASN A 195 -6.65 -27.32 27.85
CA ASN A 195 -6.76 -27.91 29.18
C ASN A 195 -7.96 -28.84 29.29
N HIS A 196 -9.05 -28.52 28.60
CA HIS A 196 -10.24 -29.35 28.62
C HIS A 196 -10.21 -30.46 27.58
N LEU A 197 -9.16 -30.53 26.76
CA LEU A 197 -9.04 -31.61 25.79
C LEU A 197 -8.74 -32.92 26.50
N LYS A 198 -9.12 -34.02 25.86
CA LYS A 198 -8.79 -35.34 26.38
C LYS A 198 -7.28 -35.55 26.34
N GLU A 199 -6.75 -36.28 27.30
CA GLU A 199 -5.31 -36.45 27.37
C GLU A 199 -4.72 -37.20 26.20
N GLU A 200 -5.54 -37.98 25.52
CA GLU A 200 -5.05 -38.63 24.31
C GLU A 200 -5.14 -37.73 23.09
N ASP A 201 -6.09 -36.79 23.09
CA ASP A 201 -6.27 -35.89 21.96
C ASP A 201 -5.31 -34.70 21.99
N LYS A 202 -4.57 -34.51 23.08
CA LYS A 202 -3.77 -33.29 23.23
C LYS A 202 -2.64 -33.26 22.20
N GLU A 203 -1.84 -34.32 22.13
CA GLU A 203 -0.70 -34.32 21.22
C GLU A 203 -1.14 -34.20 19.77
N LYS A 204 -2.23 -34.88 19.41
CA LYS A 204 -2.70 -34.83 18.03
C LYS A 204 -3.23 -33.44 17.67
N LYS A 205 -3.86 -32.76 18.62
CA LYS A 205 -4.44 -31.46 18.33
C LYS A 205 -3.39 -30.38 18.20
N LEU A 206 -2.39 -30.42 19.05
CA LEU A 206 -1.32 -29.42 18.96
C LEU A 206 -0.61 -29.51 17.62
N THR A 207 -0.36 -30.73 17.13
CA THR A 207 0.33 -30.91 15.86
C THR A 207 -0.45 -30.27 14.71
N GLU A 208 -1.76 -30.50 14.67
CA GLU A 208 -2.59 -29.91 13.63
C GLU A 208 -2.48 -28.39 13.63
N ALA A 209 -2.50 -27.78 14.81
CA ALA A 209 -2.44 -26.32 14.91
C ALA A 209 -1.09 -25.80 14.43
N ILE A 210 0.01 -26.45 14.81
CA ILE A 210 1.33 -26.00 14.40
C ILE A 210 1.47 -26.07 12.89
N LEU A 211 0.98 -27.12 12.28
CA LEU A 211 1.09 -27.24 10.86
C LEU A 211 0.27 -26.18 10.19
N ALA A 212 -0.95 -25.99 10.63
CA ALA A 212 -1.84 -25.04 9.98
C ALA A 212 -1.29 -23.62 10.00
N LEU A 213 -0.74 -23.19 11.15
CA LEU A 213 -0.25 -21.83 11.27
C LEU A 213 1.18 -21.64 10.84
N SER A 214 1.90 -22.72 10.59
CA SER A 214 3.26 -22.64 10.06
C SER A 214 3.18 -22.48 8.55
N ARG A 215 2.82 -21.27 8.13
CA ARG A 215 2.64 -20.95 6.72
C ARG A 215 3.40 -19.66 6.40
N VAL A 216 3.64 -19.46 5.11
CA VAL A 216 4.32 -18.25 4.65
C VAL A 216 3.45 -17.03 4.86
N GLN A 217 2.13 -17.19 4.85
CA GLN A 217 1.19 -16.10 5.03
C GLN A 217 0.87 -15.84 6.49
N SER A 218 1.77 -16.21 7.40
CA SER A 218 1.51 -16.10 8.82
C SER A 218 1.47 -14.63 9.25
N VAL A 219 0.77 -14.38 10.35
CA VAL A 219 0.67 -13.07 10.98
C VAL A 219 1.22 -13.21 12.39
N GLU A 220 1.60 -12.07 12.99
CA GLU A 220 2.17 -12.06 14.33
C GLU A 220 1.27 -12.77 15.34
N LYS A 221 -0.05 -12.72 15.16
CA LYS A 221 -0.96 -13.37 16.10
C LYS A 221 -0.80 -14.88 16.11
N ASP A 222 -0.29 -15.46 15.01
CA ASP A 222 -0.10 -16.91 14.97
C ASP A 222 1.01 -17.37 15.91
N ALA A 223 2.01 -16.53 16.16
CA ALA A 223 3.23 -16.91 16.87
C ALA A 223 2.96 -17.26 18.34
N PRO A 224 2.13 -16.48 19.07
CA PRO A 224 1.77 -16.92 20.43
C PRO A 224 1.15 -18.31 20.47
N ILE A 225 0.25 -18.62 19.54
CA ILE A 225 -0.34 -19.96 19.47
C ILE A 225 0.74 -20.99 19.18
N LEU A 226 1.67 -20.66 18.32
CA LEU A 226 2.72 -21.59 17.96
C LEU A 226 3.65 -21.87 19.13
N ASP A 227 3.98 -20.85 19.90
CA ASP A 227 4.81 -21.03 21.07
C ASP A 227 4.15 -21.92 22.08
N PHE A 228 2.85 -21.74 22.28
CA PHE A 228 2.16 -22.52 23.27
C PHE A 228 2.06 -23.94 22.82
N CYS A 229 1.80 -24.14 21.54
CA CYS A 229 1.59 -25.49 21.05
C CYS A 229 2.90 -26.26 20.96
N VAL A 230 3.98 -25.59 20.52
CA VAL A 230 5.27 -26.26 20.41
C VAL A 230 5.79 -26.67 21.79
N ASN A 231 5.69 -25.78 22.77
CA ASN A 231 6.26 -26.05 24.09
C ASN A 231 5.47 -27.07 24.89
N LYS A 232 4.33 -27.51 24.36
CA LYS A 232 3.57 -28.53 25.04
C LYS A 232 3.53 -29.82 24.27
N ILE A 233 4.15 -29.84 23.10
CA ILE A 233 4.25 -31.08 22.36
C ILE A 233 5.28 -31.93 23.08
N VAL A 234 4.96 -33.20 23.29
CA VAL A 234 5.85 -34.08 24.03
C VAL A 234 6.99 -34.56 23.16
N ASP A 235 6.64 -35.14 22.03
CA ASP A 235 7.67 -35.61 21.09
C ASP A 235 7.87 -34.52 20.02
N LYS A 236 8.81 -33.62 20.28
CA LYS A 236 9.19 -32.64 19.27
C LYS A 236 9.85 -33.30 18.07
N ASP A 237 10.40 -34.50 18.24
CA ASP A 237 11.02 -35.19 17.13
C ASP A 237 10.00 -35.59 16.07
N THR A 238 8.93 -36.27 16.48
CA THR A 238 7.92 -36.67 15.54
C THR A 238 7.23 -35.47 14.90
N LEU A 239 7.11 -34.39 15.66
CA LEU A 239 6.51 -33.18 15.09
C LEU A 239 7.40 -32.57 14.02
N LEU A 240 8.72 -32.57 14.24
CA LEU A 240 9.64 -31.99 13.27
C LEU A 240 9.63 -32.77 11.96
N GLN A 241 9.35 -34.07 12.01
CA GLN A 241 9.28 -34.85 10.78
C GLN A 241 8.07 -34.46 9.93
N LYS A 242 6.90 -34.34 10.56
CA LYS A 242 5.70 -33.96 9.83
C LYS A 242 5.80 -32.53 9.32
N LEU A 243 6.52 -31.68 10.02
CA LEU A 243 6.66 -30.30 9.61
C LEU A 243 7.52 -30.20 8.37
N SER A 244 8.52 -31.05 8.26
CA SER A 244 9.44 -30.98 7.13
C SER A 244 8.74 -31.34 5.82
N GLN A 245 7.70 -32.19 5.88
CA GLN A 245 6.96 -32.54 4.68
C GLN A 245 6.20 -31.35 4.12
N LYS A 246 5.71 -30.46 4.99
CA LYS A 246 5.03 -29.26 4.53
C LYS A 246 6.05 -28.27 3.97
N ASP A 247 5.68 -27.63 2.85
CA ASP A 247 6.57 -26.68 2.20
C ASP A 247 6.84 -25.49 3.10
N LYS A 248 8.11 -25.29 3.46
CA LYS A 248 8.54 -24.17 4.29
C LYS A 248 7.83 -24.15 5.63
N GLY A 249 7.42 -25.32 6.13
CA GLY A 249 6.78 -25.38 7.42
C GLY A 249 7.76 -25.15 8.56
N VAL A 250 8.94 -25.76 8.46
CA VAL A 250 9.98 -25.53 9.46
C VAL A 250 10.41 -24.06 9.44
N TYR A 251 10.65 -23.53 8.23
CA TYR A 251 11.07 -22.14 8.11
C TYR A 251 10.03 -21.19 8.69
N SER A 252 8.77 -21.41 8.34
CA SER A 252 7.72 -20.49 8.77
C SER A 252 7.55 -20.51 10.29
N LEU A 253 7.63 -21.70 10.89
CA LEU A 253 7.54 -21.78 12.35
C LEU A 253 8.72 -21.06 12.99
N PHE A 254 9.89 -21.13 12.37
CA PHE A 254 11.09 -20.52 12.96
C PHE A 254 11.00 -19.00 12.94
N VAL A 255 10.71 -18.42 11.78
CA VAL A 255 10.73 -16.96 11.67
C VAL A 255 9.61 -16.34 12.49
N GLU A 256 8.49 -17.05 12.65
CA GLU A 256 7.37 -16.50 13.41
C GLU A 256 7.74 -16.32 14.88
N LEU A 257 8.43 -17.30 15.46
CA LEU A 257 8.84 -17.17 16.86
C LEU A 257 10.02 -16.23 17.02
N ILE A 258 10.86 -16.09 16.02
CA ILE A 258 11.97 -15.18 16.12
C ILE A 258 11.52 -13.74 16.19
N GLU A 259 10.67 -13.32 15.26
CA GLU A 259 10.24 -11.93 15.23
C GLU A 259 9.40 -11.55 16.42
N SER A 260 8.71 -12.52 16.98
CA SER A 260 7.91 -12.27 18.18
C SER A 260 8.70 -12.46 19.46
N CYS A 261 10.02 -12.64 19.36
CA CYS A 261 10.91 -12.72 20.51
C CYS A 261 10.62 -13.93 21.40
N PHE A 262 10.16 -15.03 20.81
CA PHE A 262 10.03 -16.30 21.52
C PHE A 262 11.34 -17.07 21.41
N PHE A 263 12.37 -16.49 22.03
CA PHE A 263 13.73 -16.98 21.84
C PHE A 263 13.99 -18.28 22.60
N ASP A 264 13.38 -18.44 23.77
CA ASP A 264 13.56 -19.70 24.49
C ASP A 264 12.86 -20.85 23.78
N THR A 265 11.79 -20.56 23.03
CA THR A 265 11.11 -21.61 22.28
C THR A 265 11.94 -22.06 21.09
N VAL A 266 12.76 -21.18 20.53
CA VAL A 266 13.59 -21.52 19.37
C VAL A 266 14.88 -22.23 19.78
N HIS A 267 15.42 -21.89 20.93
CA HIS A 267 16.63 -22.53 21.43
C HIS A 267 16.38 -24.00 21.62
N ASP A 268 15.24 -24.33 22.20
CA ASP A 268 14.95 -25.71 22.45
C ASP A 268 14.62 -26.40 21.15
N LEU A 269 14.16 -25.66 20.17
CA LEU A 269 13.87 -26.24 18.87
C LEU A 269 15.14 -26.48 18.07
N VAL A 270 16.10 -25.55 18.14
CA VAL A 270 17.33 -25.70 17.37
C VAL A 270 18.25 -26.75 17.99
N GLN A 271 18.16 -26.95 19.31
CA GLN A 271 19.00 -27.96 19.95
C GLN A 271 18.52 -29.37 19.60
N CYS A 272 17.20 -29.59 19.63
CA CYS A 272 16.65 -30.82 19.08
C CYS A 272 16.89 -30.83 17.58
N TRP A 273 17.48 -31.93 17.09
CA TRP A 273 18.01 -32.00 15.73
C TRP A 273 18.97 -30.84 15.48
N CYS A 274 20.11 -30.94 16.16
CA CYS A 274 21.12 -29.89 16.18
C CYS A 274 21.54 -29.45 14.79
N ILE A 288 15.05 -31.20 7.45
CA ILE A 288 15.96 -30.08 7.70
C ILE A 288 15.38 -28.80 7.11
N PHE A 289 16.23 -27.79 6.94
CA PHE A 289 15.84 -26.55 6.30
C PHE A 289 16.86 -26.20 5.23
N SER A 290 16.48 -25.38 4.27
CA SER A 290 17.36 -25.05 3.17
C SER A 290 18.41 -24.06 3.50
N GLN A 291 19.30 -23.85 2.56
CA GLN A 291 20.36 -22.85 2.75
C GLN A 291 19.76 -21.46 2.83
N ARG A 292 18.79 -21.16 1.96
CA ARG A 292 18.11 -19.87 2.04
C ARG A 292 17.38 -19.71 3.36
N ASP A 293 16.80 -20.78 3.86
CA ASP A 293 16.16 -20.73 5.17
C ASP A 293 17.20 -20.39 6.21
N TYR A 294 18.36 -21.03 6.15
CA TYR A 294 19.41 -20.77 7.11
C TYR A 294 19.82 -19.31 7.12
N GLU A 295 20.05 -18.76 5.95
CA GLU A 295 20.45 -17.37 5.86
C GLU A 295 19.35 -16.41 6.31
N LEU A 296 18.11 -16.79 6.14
CA LEU A 296 17.02 -15.92 6.54
C LEU A 296 16.80 -15.97 8.03
N PHE A 297 17.05 -17.10 8.67
CA PHE A 297 17.00 -17.13 10.13
C PHE A 297 17.96 -16.12 10.73
N LEU A 298 19.16 -16.01 10.16
CA LEU A 298 20.15 -15.06 10.67
C LEU A 298 19.70 -13.62 10.41
N SER A 299 19.11 -13.39 9.25
CA SER A 299 18.67 -12.04 8.90
C SER A 299 17.51 -11.62 9.75
N SER A 300 16.64 -12.56 10.07
CA SER A 300 15.51 -12.24 10.89
C SER A 300 15.90 -11.92 12.30
N LEU A 301 16.82 -12.70 12.85
CA LEU A 301 17.27 -12.50 14.21
C LEU A 301 17.98 -11.19 14.36
N SER A 302 18.81 -10.87 13.38
CA SER A 302 19.58 -9.65 13.43
C SER A 302 18.69 -8.43 13.34
N ASP A 303 17.64 -8.50 12.54
CA ASP A 303 16.68 -7.43 12.49
C ASP A 303 15.94 -7.28 13.79
N THR A 304 15.51 -8.40 14.36
CA THR A 304 14.74 -8.34 15.58
C THR A 304 15.61 -7.76 16.66
N MET A 305 16.91 -8.06 16.60
CA MET A 305 17.83 -7.54 17.57
C MET A 305 17.81 -6.03 17.61
N LEU A 306 17.62 -5.43 16.46
CA LEU A 306 17.58 -3.97 16.42
C LEU A 306 16.22 -3.44 16.84
N LYS A 307 15.14 -4.14 16.49
CA LYS A 307 13.81 -3.70 16.88
C LYS A 307 13.58 -3.82 18.37
N ASN A 308 14.30 -4.72 19.03
CA ASN A 308 14.24 -4.89 20.48
C ASN A 308 15.68 -4.97 20.99
N PRO A 309 16.33 -3.82 21.22
CA PRO A 309 17.75 -3.84 21.54
C PRO A 309 18.07 -4.38 22.92
N GLU A 310 17.11 -4.34 23.86
CA GLU A 310 17.35 -4.88 25.19
C GLU A 310 17.45 -6.41 25.17
N LEU A 311 16.98 -7.05 24.10
CA LEU A 311 17.12 -8.48 23.89
C LEU A 311 18.34 -8.81 23.01
N SER A 312 19.33 -7.94 23.02
CA SER A 312 20.50 -8.15 22.18
C SER A 312 21.20 -9.46 22.45
N VAL A 313 21.49 -9.75 23.72
CA VAL A 313 22.23 -10.94 24.07
C VAL A 313 21.51 -12.18 23.62
N GLN A 314 20.22 -12.23 23.88
CA GLN A 314 19.43 -13.41 23.56
C GLN A 314 19.40 -13.69 22.08
N ALA A 315 19.33 -12.64 21.29
CA ALA A 315 19.26 -12.81 19.85
C ALA A 315 20.62 -13.16 19.35
N ARG A 316 21.60 -12.44 19.86
CA ARG A 316 22.97 -12.78 19.47
C ARG A 316 23.30 -14.23 19.80
N SER A 317 22.93 -14.70 20.98
CA SER A 317 23.21 -16.09 21.36
C SER A 317 22.54 -17.06 20.39
N LEU A 318 21.35 -16.72 19.89
CA LEU A 318 20.69 -17.59 18.92
C LEU A 318 21.39 -17.55 17.56
N ILE A 319 21.98 -16.43 17.20
CA ILE A 319 22.73 -16.36 15.97
C ILE A 319 23.92 -17.29 16.08
N MET A 320 24.65 -17.19 17.18
CA MET A 320 25.85 -18.01 17.35
C MET A 320 25.52 -19.50 17.38
N GLU A 321 24.32 -19.86 17.78
CA GLU A 321 23.99 -21.26 17.73
C GLU A 321 23.75 -21.69 16.31
N PHE A 322 23.00 -20.90 15.55
CA PHE A 322 22.84 -21.22 14.14
C PHE A 322 24.17 -21.20 13.41
N TRP A 323 25.07 -20.31 13.81
CA TRP A 323 26.35 -20.21 13.14
C TRP A 323 27.30 -21.32 13.49
N GLU A 324 27.44 -21.61 14.77
CA GLU A 324 28.42 -22.58 15.24
C GLU A 324 27.85 -23.98 15.38
N CYS A 325 26.73 -24.28 14.72
CA CYS A 325 26.24 -25.65 14.68
C CYS A 325 27.08 -26.44 13.69
N GLY A 326 27.78 -27.47 14.20
CA GLY A 326 28.67 -28.23 13.34
C GLY A 326 27.95 -28.92 12.20
N SER A 327 26.72 -29.36 12.44
CA SER A 327 25.95 -30.01 11.39
C SER A 327 25.57 -29.04 10.29
N LEU A 328 25.65 -27.75 10.58
CA LEU A 328 25.31 -26.73 9.59
C LEU A 328 26.57 -26.13 8.99
N TYR A 329 27.59 -26.96 8.79
CA TYR A 329 28.84 -26.47 8.25
C TYR A 329 28.70 -26.11 6.79
N GLN A 330 27.93 -26.91 6.06
CA GLN A 330 27.73 -26.63 4.64
C GLN A 330 26.97 -25.32 4.43
N TYR A 331 26.17 -24.92 5.42
CA TYR A 331 25.36 -23.70 5.25
C TYR A 331 26.15 -22.45 5.59
N ARG A 332 26.99 -22.50 6.63
CA ARG A 332 27.73 -21.31 7.03
C ARG A 332 28.78 -20.92 6.00
N LYS A 333 29.36 -21.89 5.30
CA LYS A 333 30.37 -21.58 4.30
C LYS A 333 29.77 -20.82 3.12
N ALA A 334 28.62 -21.26 2.65
CA ALA A 334 27.97 -20.57 1.55
C ALA A 334 27.50 -19.20 1.98
N ALA A 335 27.23 -19.03 3.26
CA ALA A 335 26.78 -17.76 3.78
C ALA A 335 27.81 -16.69 3.65
N VAL A 336 29.07 -17.08 3.73
CA VAL A 336 30.14 -16.11 3.63
C VAL A 336 30.79 -16.16 2.27
N ASN A 337 30.24 -16.97 1.37
CA ASN A 337 30.77 -17.03 0.01
C ASN A 337 30.36 -15.78 -0.74
N THR A 338 31.33 -14.92 -1.06
CA THR A 338 31.07 -13.70 -1.82
C THR A 338 30.84 -14.07 -3.29
N SER A 339 29.70 -13.68 -3.84
CA SER A 339 29.36 -13.98 -5.21
C SER A 339 28.44 -12.92 -5.77
N ASN A 340 28.73 -12.46 -6.98
CA ASN A 340 27.91 -11.48 -7.70
C ASN A 340 27.74 -10.20 -6.89
N TYR A 341 28.86 -9.67 -6.41
CA TYR A 341 28.89 -8.38 -5.72
C TYR A 341 27.97 -8.36 -4.49
N THR A 342 27.89 -9.50 -3.81
CA THR A 342 27.13 -9.58 -2.57
C THR A 342 27.54 -10.83 -1.82
N VAL A 343 27.34 -10.79 -0.50
CA VAL A 343 27.56 -11.95 0.36
C VAL A 343 26.26 -12.17 1.13
N PRO A 344 25.80 -13.41 1.28
CA PRO A 344 24.46 -13.64 1.87
C PRO A 344 24.29 -13.08 3.26
N THR A 345 25.37 -12.76 3.98
CA THR A 345 25.27 -12.33 5.37
C THR A 345 25.79 -10.92 5.59
N SER A 346 25.87 -10.12 4.55
CA SER A 346 26.34 -8.76 4.71
C SER A 346 25.50 -7.98 5.70
N GLY A 347 24.19 -8.15 5.61
CA GLY A 347 23.31 -7.48 6.55
C GLY A 347 23.46 -7.94 7.97
N VAL A 348 23.60 -9.24 8.18
CA VAL A 348 23.79 -9.75 9.52
C VAL A 348 25.01 -9.10 10.14
N PHE A 349 26.12 -9.08 9.42
CA PHE A 349 27.32 -8.46 9.94
C PHE A 349 27.07 -7.01 10.22
N ALA A 350 26.41 -6.33 9.30
CA ALA A 350 26.16 -4.92 9.44
C ALA A 350 25.28 -4.61 10.63
N GLU A 351 24.26 -5.43 10.84
CA GLU A 351 23.35 -5.19 11.94
C GLU A 351 24.00 -5.50 13.27
N LEU A 352 24.91 -6.45 13.29
CA LEU A 352 25.67 -6.73 14.50
C LEU A 352 26.56 -5.55 14.86
N ILE A 353 27.14 -4.92 13.86
CA ILE A 353 27.99 -3.77 14.12
C ILE A 353 27.17 -2.62 14.66
N VAL A 354 25.95 -2.47 14.17
CA VAL A 354 25.11 -1.38 14.63
C VAL A 354 24.79 -1.57 16.08
N ASN A 355 24.54 -2.80 16.48
CA ASN A 355 24.27 -3.08 17.88
C ASN A 355 25.47 -2.74 18.72
N TRP A 356 26.65 -3.05 18.23
CA TRP A 356 27.85 -2.81 18.99
C TRP A 356 28.01 -1.35 19.29
N ARG A 357 27.68 -0.49 18.33
CA ARG A 357 27.79 0.95 18.53
C ARG A 357 26.48 1.59 18.90
N ARG A 358 25.81 1.06 19.92
CA ARG A 358 24.50 1.54 20.37
C ARG A 358 24.69 2.39 21.61
N GLU A 359 24.49 3.71 21.47
CA GLU A 359 24.62 4.65 22.57
C GLU A 359 23.27 5.10 23.12
N ASP A 360 22.15 4.58 22.59
CA ASP A 360 20.84 4.91 23.12
C ASP A 360 20.50 4.09 24.36
N ILE A 361 21.18 2.97 24.54
CA ILE A 361 20.95 2.17 25.72
C ILE A 361 22.27 1.93 26.42
N TYR A 362 22.29 2.04 27.74
CA TYR A 362 23.51 1.80 28.50
C TYR A 362 23.96 0.35 28.41
N LYS A 363 25.27 0.15 28.27
CA LYS A 363 25.79 -1.20 28.16
C LYS A 363 27.15 -1.25 28.80
N THR A 364 27.49 -2.40 29.39
CA THR A 364 28.77 -2.55 30.03
C THR A 364 29.84 -2.68 28.99
N ASP A 365 31.03 -2.16 29.28
CA ASP A 365 32.09 -2.18 28.30
C ASP A 365 32.44 -3.61 28.02
N GLU A 366 32.18 -4.49 28.97
CA GLU A 366 32.44 -5.90 28.77
C GLU A 366 31.51 -6.43 27.71
N GLU A 367 30.27 -5.97 27.74
CA GLU A 367 29.31 -6.40 26.73
C GLU A 367 29.75 -5.95 25.35
N LYS A 368 30.24 -4.73 25.26
CA LYS A 368 30.66 -4.24 23.97
C LYS A 368 31.79 -5.11 23.48
N GLU A 369 32.69 -5.47 24.39
CA GLU A 369 33.81 -6.29 24.01
C GLU A 369 33.42 -7.68 23.55
N ILE A 370 32.48 -8.32 24.23
CA ILE A 370 32.15 -9.68 23.83
C ILE A 370 31.50 -9.53 22.48
N GLU A 371 30.72 -8.46 22.33
CA GLU A 371 30.08 -8.18 21.04
C GLU A 371 31.11 -8.00 19.94
N LYS A 372 32.29 -7.48 20.26
CA LYS A 372 33.34 -7.34 19.26
C LYS A 372 33.88 -8.69 18.84
N LYS A 373 34.50 -9.40 19.78
CA LYS A 373 35.04 -10.74 19.47
C LYS A 373 33.98 -11.65 18.87
N GLU A 374 32.70 -11.37 19.14
CA GLU A 374 31.63 -12.10 18.46
C GLU A 374 31.70 -11.90 16.95
N ILE A 375 31.73 -10.64 16.51
CA ILE A 375 31.83 -10.35 15.08
C ILE A 375 33.15 -10.85 14.52
N LEU A 376 34.24 -10.48 15.18
CA LEU A 376 35.57 -10.83 14.67
C LEU A 376 35.77 -12.30 14.40
N ASP A 377 35.19 -13.15 15.24
CA ASP A 377 35.28 -14.58 14.97
C ASP A 377 34.54 -14.97 13.70
N MET A 378 33.50 -14.24 13.35
CA MET A 378 32.75 -14.55 12.14
C MET A 378 33.48 -14.06 10.91
N MET A 379 34.11 -12.90 11.01
CA MET A 379 34.91 -12.42 9.89
C MET A 379 36.13 -13.29 9.65
N SER A 380 36.71 -13.84 10.73
CA SER A 380 37.85 -14.74 10.56
C SER A 380 37.44 -16.00 9.82
N PHE A 381 36.21 -16.48 10.03
CA PHE A 381 35.72 -17.64 9.29
C PHE A 381 35.59 -17.32 7.81
N ALA A 382 35.13 -16.12 7.47
CA ALA A 382 35.01 -15.74 6.06
C ALA A 382 36.39 -15.52 5.44
N LYS A 383 37.34 -14.99 6.21
CA LYS A 383 38.69 -14.80 5.71
C LYS A 383 39.35 -16.14 5.38
N ASP A 384 39.18 -17.13 6.26
CA ASP A 384 39.81 -18.43 6.05
C ASP A 384 39.11 -19.20 4.94
N CYS A 385 37.78 -19.13 4.89
CA CYS A 385 37.03 -19.95 3.93
C CYS A 385 37.26 -19.50 2.50
N PHE A 386 37.27 -18.19 2.26
CA PHE A 386 37.44 -17.63 0.92
C PHE A 386 38.40 -16.45 0.98
N PRO A 387 39.70 -16.72 1.00
CA PRO A 387 40.68 -15.62 1.11
C PRO A 387 40.86 -14.86 -0.18
N GLU A 388 40.69 -15.53 -1.31
CA GLU A 388 40.77 -14.85 -2.60
C GLU A 388 39.59 -13.92 -2.82
N LYS A 389 38.48 -14.13 -2.12
CA LYS A 389 37.32 -13.26 -2.19
C LYS A 389 37.19 -12.35 -0.97
N PHE A 390 38.10 -12.47 0.00
CA PHE A 390 37.94 -11.74 1.25
C PHE A 390 38.10 -10.23 1.06
N GLU A 391 38.88 -9.80 0.07
CA GLU A 391 39.02 -8.38 -0.19
C GLU A 391 37.69 -7.75 -0.59
N LEU A 392 36.95 -8.43 -1.47
CA LEU A 392 35.61 -7.96 -1.84
C LEU A 392 34.65 -8.05 -0.66
N PHE A 393 34.77 -9.10 0.14
CA PHE A 393 33.90 -9.26 1.28
C PHE A 393 33.92 -7.97 2.04
N LYS A 394 35.10 -7.41 2.20
CA LYS A 394 35.21 -6.21 3.00
C LYS A 394 34.46 -5.06 2.39
N LYS A 395 34.53 -4.93 1.07
CA LYS A 395 33.90 -3.79 0.41
C LYS A 395 32.42 -3.95 0.53
N LEU A 396 31.96 -5.17 0.40
CA LEU A 396 30.54 -5.43 0.53
C LEU A 396 29.97 -5.13 1.91
N ILE A 397 30.70 -5.47 2.95
CA ILE A 397 30.20 -5.25 4.30
C ILE A 397 30.02 -3.78 4.59
N ILE A 398 30.96 -2.95 4.16
CA ILE A 398 30.87 -1.53 4.45
C ILE A 398 29.84 -0.94 3.53
N ARG A 399 29.54 -1.63 2.45
CA ARG A 399 28.52 -1.19 1.52
C ARG A 399 27.18 -1.28 2.23
N ASP A 400 26.88 -2.44 2.81
CA ASP A 400 25.63 -2.61 3.52
C ASP A 400 25.48 -1.63 4.67
N LEU A 401 26.59 -1.11 5.20
CA LEU A 401 26.55 -0.22 6.34
C LEU A 401 26.40 1.25 5.96
N ARG A 402 26.70 1.62 4.72
CA ARG A 402 26.55 3.00 4.27
C ARG A 402 25.40 3.20 3.30
N LEU A 403 24.86 2.15 2.73
CA LEU A 403 23.77 2.28 1.80
C LEU A 403 22.40 2.08 2.43
N CYS A 404 22.33 1.38 3.55
CA CYS A 404 21.06 1.08 4.18
C CYS A 404 20.99 1.69 5.57
N GLY A 405 19.86 2.32 5.88
CA GLY A 405 19.62 2.88 7.20
C GLY A 405 18.70 1.96 7.99
N ARG A 406 19.07 1.71 9.24
CA ARG A 406 18.38 0.76 10.09
C ARG A 406 18.02 1.41 11.42
N GLU A 407 17.15 0.73 12.16
CA GLU A 407 16.77 1.19 13.49
C GLU A 407 17.99 1.18 14.41
N GLY A 408 18.01 2.14 15.34
CA GLY A 408 19.13 2.27 16.24
C GLY A 408 20.41 2.76 15.60
N LYS A 409 20.39 3.05 14.31
CA LYS A 409 21.55 3.58 13.60
C LYS A 409 21.48 5.10 13.62
N ARG A 410 22.51 5.74 14.16
CA ARG A 410 22.50 7.19 14.31
C ARG A 410 22.67 7.88 12.97
N VAL A 411 22.10 9.05 12.88
CA VAL A 411 22.14 9.77 11.64
C VAL A 411 23.41 10.54 11.41
N ASN A 412 23.83 10.61 10.17
CA ASN A 412 24.97 11.44 9.77
C ASN A 412 26.27 10.99 10.43
N VAL A 413 26.42 9.71 10.73
CA VAL A 413 27.68 9.14 11.19
C VAL A 413 27.98 7.90 10.35
N ASP A 414 29.25 7.75 9.96
CA ASP A 414 29.67 6.70 9.04
C ASP A 414 29.91 5.42 9.82
N TYR A 415 29.01 4.47 9.69
CA TYR A 415 29.18 3.19 10.36
C TYR A 415 30.14 2.32 9.57
N GLY A 416 30.51 2.75 8.37
CA GLY A 416 31.51 2.00 7.62
C GLY A 416 32.90 2.12 8.21
N LEU A 417 33.20 3.27 8.84
CA LEU A 417 34.51 3.42 9.49
C LEU A 417 34.70 2.40 10.62
N PHE A 418 33.63 2.00 11.26
CA PHE A 418 33.74 1.07 12.36
C PHE A 418 34.11 -0.29 11.85
N ALA A 419 33.48 -0.71 10.76
CA ALA A 419 33.85 -1.99 10.17
C ALA A 419 35.31 -2.00 9.75
N GLU A 420 35.79 -0.89 9.16
CA GLU A 420 37.20 -0.79 8.80
C GLU A 420 38.10 -0.91 10.02
N GLU A 421 37.64 -0.42 11.18
CA GLU A 421 38.40 -0.63 12.41
C GLU A 421 38.55 -2.11 12.72
N LEU A 422 37.48 -2.86 12.56
CA LEU A 422 37.54 -4.26 12.89
C LEU A 422 38.43 -5.00 11.92
N PHE A 423 38.36 -4.63 10.66
CA PHE A 423 39.21 -5.27 9.66
C PHE A 423 40.69 -5.05 9.98
N SER A 424 41.03 -3.88 10.52
CA SER A 424 42.42 -3.62 10.89
C SER A 424 42.87 -4.53 12.03
N GLU A 425 42.01 -4.74 13.01
CA GLU A 425 42.37 -5.58 14.12
C GLU A 425 42.48 -6.99 13.63
N LEU A 426 41.70 -7.35 12.63
CA LEU A 426 41.70 -8.73 12.17
C LEU A 426 43.06 -9.11 11.59
N GLU A 427 43.68 -8.18 10.87
CA GLU A 427 44.95 -8.46 10.23
C GLU A 427 46.16 -8.08 11.09
N GLY B 4 6.93 -13.14 -24.53
CA GLY B 4 7.52 -11.91 -25.02
C GLY B 4 8.92 -12.10 -25.58
N ASP B 5 9.57 -10.99 -25.91
CA ASP B 5 10.92 -11.03 -26.46
C ASP B 5 11.88 -10.00 -25.87
N GLY B 6 11.40 -8.97 -25.19
CA GLY B 6 12.29 -7.97 -24.62
C GLY B 6 12.19 -6.62 -25.29
N LEU B 7 12.09 -5.57 -24.51
CA LEU B 7 11.93 -4.26 -25.08
C LEU B 7 13.20 -3.76 -25.72
N ILE B 8 14.31 -3.84 -25.00
CA ILE B 8 15.57 -3.41 -25.56
C ILE B 8 16.01 -4.38 -26.66
N ARG B 9 15.74 -5.67 -26.47
CA ARG B 9 16.11 -6.65 -27.48
C ARG B 9 15.38 -6.38 -28.80
N SER B 10 14.07 -6.17 -28.73
CA SER B 10 13.31 -5.87 -29.94
C SER B 10 13.73 -4.53 -30.54
N LEU B 11 14.16 -3.60 -29.72
CA LEU B 11 14.56 -2.31 -30.22
C LEU B 11 15.91 -2.41 -30.90
N VAL B 12 16.88 -3.01 -30.24
CA VAL B 12 18.22 -3.13 -30.80
C VAL B 12 18.19 -3.89 -32.13
N ASP B 13 17.39 -4.94 -32.20
CA ASP B 13 17.28 -5.75 -33.41
C ASP B 13 16.47 -5.08 -34.51
N GLY B 14 15.91 -3.90 -34.26
CA GLY B 14 15.10 -3.23 -35.25
C GLY B 14 13.71 -3.80 -35.46
N ASP B 15 13.25 -4.67 -34.57
CA ASP B 15 11.92 -5.26 -34.67
C ASP B 15 10.94 -4.29 -34.01
N LEU B 16 10.40 -3.37 -34.82
CA LEU B 16 9.54 -2.32 -34.28
C LEU B 16 8.19 -2.89 -33.85
N GLU B 17 7.62 -3.81 -34.64
CA GLU B 17 6.35 -4.43 -34.25
C GLU B 17 6.52 -5.28 -33.00
N GLY B 18 7.69 -5.89 -32.81
CA GLY B 18 7.97 -6.59 -31.57
C GLY B 18 8.17 -5.66 -30.40
N PHE B 19 8.68 -4.46 -30.65
CA PHE B 19 8.79 -3.46 -29.60
C PHE B 19 7.42 -2.85 -29.28
N ARG B 20 6.60 -2.62 -30.31
CA ARG B 20 5.28 -2.06 -30.09
C ARG B 20 4.42 -2.98 -29.23
N GLN B 21 4.36 -4.27 -29.59
CA GLN B 21 3.61 -5.22 -28.79
C GLN B 21 4.20 -5.38 -27.40
N GLY B 22 5.53 -5.28 -27.28
CA GLY B 22 6.16 -5.38 -25.98
C GLY B 22 5.86 -4.18 -25.10
N PHE B 23 6.00 -2.98 -25.66
CA PHE B 23 5.68 -1.78 -24.89
C PHE B 23 4.19 -1.70 -24.59
N GLU B 24 3.35 -2.28 -25.44
CA GLU B 24 1.92 -2.37 -25.15
C GLU B 24 1.68 -3.18 -23.88
N SER B 25 2.41 -4.28 -23.72
CA SER B 25 2.23 -5.12 -22.54
C SER B 25 2.76 -4.44 -21.28
N PHE B 26 3.81 -3.62 -21.41
CA PHE B 26 4.29 -2.87 -20.26
C PHE B 26 3.33 -1.77 -19.86
N LEU B 27 2.64 -1.16 -20.84
CA LEU B 27 1.64 -0.14 -20.52
C LEU B 27 0.47 -0.75 -19.75
N ASP B 28 0.13 -2.01 -20.03
CA ASP B 28 -0.87 -2.71 -19.22
C ASP B 28 -0.34 -2.99 -17.82
N GLN B 29 0.95 -3.20 -17.67
CA GLN B 29 1.52 -3.46 -16.37
C GLN B 29 1.64 -2.20 -15.54
N CYS B 30 1.83 -1.06 -16.18
CA CYS B 30 1.93 0.23 -15.51
C CYS B 30 0.81 1.11 -16.05
N PRO B 31 -0.41 0.99 -15.50
CA PRO B 31 -1.55 1.71 -16.08
C PRO B 31 -1.46 3.23 -15.95
N SER B 32 -0.58 3.76 -15.10
CA SER B 32 -0.46 5.20 -14.92
C SER B 32 0.83 5.76 -15.51
N PHE B 33 1.44 5.03 -16.45
CA PHE B 33 2.70 5.49 -17.04
C PHE B 33 2.48 6.73 -17.89
N LEU B 34 1.48 6.73 -18.73
CA LEU B 34 1.28 7.83 -19.65
C LEU B 34 0.93 9.18 -19.07
N TYR B 35 0.51 9.19 -17.81
CA TYR B 35 0.15 10.45 -17.19
C TYR B 35 1.35 11.37 -16.99
N HIS B 36 2.57 10.86 -17.10
CA HIS B 36 3.75 11.62 -16.71
C HIS B 36 4.83 11.66 -17.78
N VAL B 37 4.55 11.18 -18.99
CA VAL B 37 5.56 11.17 -20.05
C VAL B 37 5.96 12.57 -20.48
N SER B 38 5.14 13.58 -20.18
CA SER B 38 5.44 14.96 -20.54
C SER B 38 5.83 15.79 -19.32
N ALA B 39 6.35 15.13 -18.28
CA ALA B 39 6.72 15.78 -17.04
C ALA B 39 8.24 15.70 -16.88
N GLY B 40 8.93 16.77 -17.26
CA GLY B 40 10.38 16.78 -17.16
C GLY B 40 11.01 15.73 -18.05
N ARG B 41 12.02 15.04 -17.52
CA ARG B 41 12.73 13.99 -18.23
C ARG B 41 12.27 12.59 -17.79
N PHE B 42 11.00 12.45 -17.41
CA PHE B 42 10.49 11.15 -16.97
C PHE B 42 10.67 10.09 -18.04
N LEU B 43 10.21 10.39 -19.26
CA LEU B 43 10.31 9.44 -20.35
C LEU B 43 11.74 9.20 -20.86
N PRO B 44 12.52 10.28 -21.02
CA PRO B 44 13.90 10.00 -21.42
C PRO B 44 14.69 9.16 -20.41
N VAL B 45 14.63 9.49 -19.13
CA VAL B 45 15.32 8.71 -18.10
C VAL B 45 14.80 7.28 -18.03
N PHE B 46 13.55 7.09 -18.39
CA PHE B 46 13.00 5.75 -18.41
C PHE B 46 13.74 4.89 -19.38
N PHE B 47 13.92 5.40 -20.58
CA PHE B 47 14.59 4.63 -21.62
C PHE B 47 16.08 4.56 -21.36
N PHE B 48 16.63 5.54 -20.69
CA PHE B 48 18.03 5.49 -20.35
C PHE B 48 18.28 4.37 -19.38
N SER B 49 17.41 4.23 -18.39
CA SER B 49 17.57 3.18 -17.41
C SER B 49 17.52 1.84 -18.07
N MET B 50 16.59 1.68 -18.98
CA MET B 50 16.46 0.43 -19.66
C MET B 50 17.73 0.05 -20.40
N PHE B 51 18.39 1.03 -20.99
CA PHE B 51 19.61 0.77 -21.75
C PHE B 51 20.83 0.63 -20.85
N SER B 52 20.94 1.44 -19.80
CA SER B 52 22.10 1.41 -18.92
C SER B 52 22.15 0.16 -18.04
N THR B 53 21.04 -0.57 -17.91
CA THR B 53 21.00 -1.77 -17.10
C THR B 53 20.80 -3.04 -17.91
N ALA B 54 20.78 -2.94 -19.25
CA ALA B 54 20.49 -4.11 -20.06
C ALA B 54 21.68 -5.05 -20.12
N HIS B 55 22.90 -4.51 -20.16
CA HIS B 55 24.08 -5.36 -20.17
C HIS B 55 24.20 -6.17 -18.88
N ASP B 56 23.84 -5.56 -17.76
CA ASP B 56 23.91 -6.25 -16.49
C ASP B 56 22.83 -7.32 -16.39
N ALA B 57 21.74 -7.18 -17.13
CA ALA B 57 20.66 -8.15 -17.14
C ALA B 57 20.85 -9.23 -18.21
N ASN B 58 21.99 -9.24 -18.91
CA ASN B 58 22.28 -10.17 -19.99
C ASN B 58 21.27 -10.06 -21.14
N ILE B 59 20.55 -8.94 -21.23
CA ILE B 59 19.67 -8.71 -22.37
C ILE B 59 20.50 -8.47 -23.63
N LEU B 60 21.57 -7.69 -23.50
CA LEU B 60 22.47 -7.39 -24.59
C LEU B 60 23.86 -7.92 -24.27
N ASN B 61 24.58 -8.34 -25.31
CA ASN B 61 25.95 -8.80 -25.14
CA ASN B 61 25.95 -8.80 -25.14
C ASN B 61 26.90 -7.60 -25.10
N ALA B 62 28.11 -7.86 -24.58
CA ALA B 62 29.13 -6.82 -24.58
C ALA B 62 29.46 -6.37 -26.00
N ASN B 63 29.24 -7.27 -26.97
CA ASN B 63 29.47 -6.90 -28.37
CA ASN B 63 29.45 -6.90 -28.37
C ASN B 63 28.51 -5.80 -28.81
N GLU B 64 27.26 -5.84 -28.34
CA GLU B 64 26.24 -4.86 -28.70
C GLU B 64 26.46 -3.62 -27.83
N ARG B 65 27.31 -2.72 -28.31
CA ARG B 65 27.63 -1.51 -27.57
C ARG B 65 26.49 -0.51 -27.69
N VAL B 66 26.27 0.24 -26.61
CA VAL B 66 25.19 1.22 -26.53
C VAL B 66 25.79 2.56 -26.15
N TYR B 67 25.49 3.60 -26.95
CA TYR B 67 25.97 4.95 -26.70
C TYR B 67 24.78 5.89 -26.61
N PHE B 68 24.82 6.82 -25.65
CA PHE B 68 23.70 7.69 -25.36
C PHE B 68 24.15 9.14 -25.24
N ARG B 69 23.16 10.02 -25.18
CA ARG B 69 23.35 11.44 -24.96
C ARG B 69 22.00 12.06 -24.62
N PHE B 70 22.00 12.98 -23.65
CA PHE B 70 20.80 13.68 -23.24
C PHE B 70 20.72 15.00 -23.98
N ASP B 71 19.80 15.08 -24.95
CA ASP B 71 19.63 16.27 -25.78
C ASP B 71 18.63 17.20 -25.09
N ASN B 72 19.15 17.99 -24.16
CA ASN B 72 18.29 18.86 -23.40
C ASN B 72 17.70 19.98 -24.21
N HIS B 73 16.43 20.27 -23.98
CA HIS B 73 15.76 21.27 -24.79
C HIS B 73 16.27 22.67 -24.60
N GLY B 74 16.34 23.11 -23.36
CA GLY B 74 16.83 24.45 -23.11
C GLY B 74 15.72 25.47 -22.92
N VAL B 75 15.98 26.72 -23.29
CA VAL B 75 15.02 27.79 -23.08
C VAL B 75 13.94 27.74 -24.14
N ASN B 76 12.74 28.14 -23.74
CA ASN B 76 11.61 28.18 -24.65
CA ASN B 76 11.61 28.18 -24.65
C ASN B 76 11.73 29.38 -25.58
N PRO B 77 11.45 29.19 -26.86
CA PRO B 77 11.50 30.29 -27.81
C PRO B 77 10.38 31.29 -27.59
N ARG B 78 9.34 30.93 -26.87
CA ARG B 78 8.18 31.80 -26.71
C ARG B 78 8.33 32.72 -25.51
N ASN B 79 8.85 32.21 -24.39
CA ASN B 79 8.98 33.02 -23.19
C ASN B 79 10.39 33.08 -22.61
N GLY B 80 11.34 32.34 -23.16
CA GLY B 80 12.72 32.46 -22.69
C GLY B 80 12.94 31.96 -21.28
N GLU B 81 12.23 30.91 -20.88
CA GLU B 81 12.38 30.32 -19.56
C GLU B 81 12.98 28.93 -19.68
N ASN B 82 13.67 28.51 -18.62
CA ASN B 82 14.31 27.20 -18.59
C ASN B 82 13.34 26.04 -18.56
N ARG B 83 13.69 24.99 -19.27
CA ARG B 83 12.84 23.79 -19.34
C ARG B 83 13.62 22.59 -18.83
N ASN B 84 12.94 21.72 -18.10
CA ASN B 84 13.53 20.49 -17.58
C ASN B 84 13.26 19.28 -18.46
N THR B 85 12.75 19.50 -19.68
CA THR B 85 12.51 18.43 -20.63
C THR B 85 13.74 18.22 -21.50
N ALA B 86 13.76 17.11 -22.23
CA ALA B 86 14.89 16.77 -23.07
C ALA B 86 14.49 15.65 -24.03
N ASN B 87 15.44 15.32 -24.89
CA ASN B 87 15.26 14.22 -25.80
C ASN B 87 16.37 13.26 -25.43
N LEU B 88 16.21 12.00 -25.79
CA LEU B 88 17.25 11.01 -25.54
C LEU B 88 17.72 10.41 -26.83
N LYS B 89 18.99 10.57 -27.11
CA LYS B 89 19.61 10.05 -28.32
C LYS B 89 20.44 8.83 -27.95
N VAL B 90 20.04 7.66 -28.44
CA VAL B 90 20.71 6.40 -28.12
C VAL B 90 21.01 5.66 -29.42
N ALA B 91 22.23 5.15 -29.53
CA ALA B 91 22.61 4.36 -30.70
C ALA B 91 23.27 3.06 -30.30
N VAL B 92 23.10 2.04 -31.11
CA VAL B 92 23.69 0.76 -30.83
C VAL B 92 24.60 0.25 -31.93
N TYR B 93 25.82 -0.15 -31.57
CA TYR B 93 26.76 -0.70 -32.54
C TYR B 93 27.35 -2.02 -32.16
N ARG B 94 27.24 -3.01 -33.02
CA ARG B 94 27.87 -4.30 -32.79
C ARG B 94 29.07 -4.42 -33.72
N ASP B 95 30.23 -4.75 -33.14
CA ASP B 95 31.44 -4.85 -33.93
C ASP B 95 31.29 -5.93 -35.00
N GLY B 96 31.84 -5.65 -36.19
CA GLY B 96 31.67 -6.51 -37.34
C GLY B 96 30.40 -6.28 -38.13
N GLN B 97 29.48 -5.48 -37.62
CA GLN B 97 28.27 -5.12 -38.35
C GLN B 97 28.42 -3.73 -38.96
N GLN B 98 27.71 -3.51 -40.06
CA GLN B 98 27.73 -2.23 -40.74
C GLN B 98 26.54 -1.35 -40.37
N VAL B 99 25.68 -1.87 -39.50
CA VAL B 99 24.49 -1.14 -39.12
C VAL B 99 24.56 -0.45 -37.79
N VAL B 100 24.40 0.86 -37.80
CA VAL B 100 24.33 1.63 -36.56
C VAL B 100 22.89 2.10 -36.41
N ARG B 101 22.17 1.51 -35.46
CA ARG B 101 20.77 1.87 -35.25
C ARG B 101 20.67 3.00 -34.29
N CYS B 102 20.11 4.11 -34.74
CA CYS B 102 20.07 5.31 -33.95
C CYS B 102 18.67 5.62 -33.48
N TYR B 103 18.52 5.98 -32.22
CA TYR B 103 17.18 6.21 -31.65
C TYR B 103 17.00 7.55 -30.95
N SER B 104 15.88 8.18 -31.21
CA SER B 104 15.57 9.47 -30.58
C SER B 104 14.30 9.32 -29.78
N ILE B 105 14.39 9.59 -28.47
CA ILE B 105 13.25 9.43 -27.60
C ILE B 105 12.89 10.77 -26.99
N SER B 106 11.63 11.17 -27.16
CA SER B 106 11.15 12.41 -26.57
C SER B 106 9.65 12.42 -26.37
N ASP B 107 9.19 13.23 -25.44
CA ASP B 107 7.76 13.39 -25.25
C ASP B 107 7.10 14.01 -26.44
N ARG B 108 7.75 15.03 -27.00
CA ARG B 108 7.15 15.74 -28.11
C ARG B 108 7.23 14.98 -29.44
N PRO B 109 6.16 14.98 -30.26
CA PRO B 109 6.23 14.15 -31.46
C PRO B 109 7.20 14.68 -32.50
N ASN B 110 7.33 16.01 -32.62
CA ASN B 110 8.23 16.62 -33.57
CA ASN B 110 8.23 16.63 -33.56
C ASN B 110 8.91 17.82 -32.90
N SER B 111 9.55 17.57 -31.76
CA SER B 111 10.30 18.62 -31.07
C SER B 111 11.52 19.01 -31.89
N ASP B 112 11.88 20.29 -31.81
CA ASP B 112 13.05 20.77 -32.54
C ASP B 112 14.30 20.07 -32.06
N GLY B 113 15.10 19.58 -33.01
CA GLY B 113 16.29 18.84 -32.68
C GLY B 113 16.08 17.38 -32.35
N LEU B 114 14.87 16.86 -32.52
CA LEU B 114 14.62 15.45 -32.25
C LEU B 114 15.41 14.56 -33.20
N ARG B 115 15.60 14.99 -34.43
CA ARG B 115 16.38 14.20 -35.37
C ARG B 115 17.84 14.23 -34.95
N PHE B 116 18.55 13.16 -35.25
CA PHE B 116 19.97 13.11 -34.95
C PHE B 116 20.70 14.16 -35.77
N SER B 117 21.65 14.85 -35.16
CA SER B 117 22.38 15.91 -35.85
C SER B 117 23.67 15.41 -36.45
N THR B 118 24.25 16.21 -37.34
CA THR B 118 25.54 15.84 -37.92
C THR B 118 26.62 15.76 -36.85
N ARG B 119 26.63 16.72 -35.92
CA ARG B 119 27.62 16.70 -34.86
C ARG B 119 27.39 15.52 -33.91
N GLU B 120 26.13 15.17 -33.67
CA GLU B 120 25.84 13.98 -32.87
C GLU B 120 26.36 12.73 -33.55
N ARG B 121 26.31 12.68 -34.88
CA ARG B 121 26.88 11.56 -35.61
C ARG B 121 28.40 11.52 -35.45
N ASN B 122 29.04 12.69 -35.46
CA ASN B 122 30.49 12.74 -35.26
C ASN B 122 30.86 12.38 -33.83
N ALA B 123 30.07 12.83 -32.85
CA ALA B 123 30.33 12.47 -31.47
C ALA B 123 30.05 10.99 -31.22
N LEU B 124 29.09 10.42 -31.94
CA LEU B 124 28.81 8.99 -31.81
C LEU B 124 29.98 8.16 -32.33
N VAL B 125 30.34 8.36 -33.60
CA VAL B 125 31.43 7.59 -34.20
C VAL B 125 32.74 7.80 -33.45
N GLN B 126 32.88 8.91 -32.73
CA GLN B 126 34.05 9.12 -31.88
C GLN B 126 34.10 8.06 -30.77
N GLU B 127 32.95 7.83 -30.12
CA GLU B 127 32.90 6.83 -29.05
C GLU B 127 33.01 5.42 -29.59
N ILE B 128 32.56 5.19 -30.83
CA ILE B 128 32.62 3.85 -31.42
C ILE B 128 34.07 3.41 -31.60
N ARG B 129 34.92 4.37 -31.95
CA ARG B 129 36.31 4.07 -32.21
C ARG B 129 37.22 4.09 -31.01
N ARG B 130 36.70 4.37 -29.83
CA ARG B 130 37.53 4.25 -28.66
C ARG B 130 37.90 2.80 -28.54
N GLN B 131 37.12 1.92 -29.15
CA GLN B 131 37.46 0.51 -29.20
C GLN B 131 37.78 0.02 -30.61
N ASN B 132 37.41 0.77 -31.65
CA ASN B 132 37.64 0.39 -33.04
C ASN B 132 38.35 1.53 -33.76
N PRO B 133 39.61 1.79 -33.44
CA PRO B 133 40.25 3.04 -33.90
C PRO B 133 40.28 3.21 -35.41
N ASN B 134 40.58 2.16 -36.17
CA ASN B 134 40.69 2.24 -37.62
C ASN B 134 39.40 1.88 -38.34
N LEU B 135 38.25 2.12 -37.71
CA LEU B 135 36.97 1.80 -38.33
C LEU B 135 36.67 2.76 -39.47
N ARG B 136 36.16 2.22 -40.57
CA ARG B 136 35.79 3.01 -41.74
C ARG B 136 34.36 3.49 -41.58
N GLU B 137 34.19 4.82 -41.48
CA GLU B 137 32.86 5.38 -41.25
C GLU B 137 32.00 5.41 -42.52
N GLU B 138 32.62 5.36 -43.70
CA GLU B 138 31.84 5.40 -44.93
C GLU B 138 31.04 4.12 -45.12
N ASP B 139 31.52 2.99 -44.59
CA ASP B 139 30.81 1.73 -44.68
C ASP B 139 29.70 1.60 -43.66
N LEU B 140 29.65 2.48 -42.67
CA LEU B 140 28.62 2.42 -41.64
C LEU B 140 27.30 2.96 -42.19
N ASN B 141 26.24 2.16 -42.05
CA ASN B 141 24.90 2.55 -42.47
CA ASN B 141 24.90 2.55 -42.47
C ASN B 141 24.09 2.93 -41.25
N PHE B 142 23.62 4.18 -41.21
CA PHE B 142 22.88 4.68 -40.06
C PHE B 142 21.38 4.52 -40.28
N GLU B 143 20.71 3.91 -39.30
CA GLU B 143 19.27 3.73 -39.30
C GLU B 143 18.69 4.56 -38.17
N GLN B 144 18.04 5.66 -38.52
CA GLN B 144 17.50 6.59 -37.53
C GLN B 144 16.03 6.26 -37.24
N TYR B 145 15.72 6.20 -35.96
CA TYR B 145 14.37 5.92 -35.55
C TYR B 145 13.88 6.91 -34.51
N LYS B 146 12.57 7.05 -34.35
CA LYS B 146 11.96 7.94 -33.38
C LYS B 146 10.95 7.18 -32.56
N VAL B 147 10.90 7.49 -31.27
CA VAL B 147 9.92 6.90 -30.36
C VAL B 147 9.40 8.05 -29.51
N CYS B 148 8.07 8.27 -29.49
CA CYS B 148 7.48 9.39 -28.77
C CYS B 148 6.12 8.98 -28.21
N MET B 149 5.73 9.61 -27.11
CA MET B 149 4.39 9.49 -26.57
C MET B 149 4.00 10.82 -25.93
N HIS B 150 2.83 11.32 -26.28
CA HIS B 150 2.36 12.60 -25.81
C HIS B 150 0.85 12.60 -25.66
N GLY B 151 0.26 13.75 -25.35
CA GLY B 151 -1.19 13.84 -25.20
C GLY B 151 -1.74 15.19 -25.58
N ALA B 161 0.15 9.98 -23.60
CA ALA B 161 -1.07 10.02 -22.81
C ALA B 161 -2.17 9.39 -23.61
N THR B 162 -2.20 9.67 -24.89
CA THR B 162 -3.19 9.04 -25.73
C THR B 162 -2.56 8.49 -26.96
N VAL B 163 -1.30 8.80 -27.20
CA VAL B 163 -0.69 8.40 -28.47
C VAL B 163 0.75 7.95 -28.21
N PHE B 164 1.16 6.88 -28.90
CA PHE B 164 2.50 6.33 -28.80
C PHE B 164 2.92 5.84 -30.19
N GLU B 165 3.97 6.46 -30.70
CA GLU B 165 4.43 6.16 -32.05
C GLU B 165 5.86 5.73 -32.21
N VAL B 166 6.09 4.80 -33.11
CA VAL B 166 7.44 4.35 -33.38
C VAL B 166 7.63 4.56 -34.89
N ILE B 167 8.63 5.36 -35.24
CA ILE B 167 8.87 5.68 -36.64
C ILE B 167 10.26 5.36 -37.14
N ARG B 168 10.35 4.69 -38.28
CA ARG B 168 11.63 4.43 -38.92
C ARG B 168 11.74 5.40 -40.09
N GLU B 169 12.56 6.43 -39.93
CA GLU B 169 12.71 7.46 -40.95
C GLU B 169 13.27 6.85 -42.23
N LYS B 170 12.79 7.35 -43.36
CA LYS B 170 13.21 6.82 -44.66
C LYS B 170 14.67 7.16 -44.93
N ASP B 171 15.25 6.40 -45.85
CA ASP B 171 16.64 6.64 -46.23
C ASP B 171 16.74 8.00 -46.86
N ARG B 172 17.80 8.72 -46.51
CA ARG B 172 17.97 10.09 -46.99
C ARG B 172 19.34 10.25 -47.65
N GLN B 173 19.44 11.26 -48.50
CA GLN B 173 20.67 11.54 -49.21
C GLN B 173 21.77 11.99 -48.25
N GLY B 174 23.01 11.96 -48.72
CA GLY B 174 24.13 12.35 -47.88
C GLY B 174 24.02 13.81 -47.46
N ARG B 175 24.44 14.07 -46.22
CA ARG B 175 24.38 15.39 -45.59
C ARG B 175 22.93 15.81 -45.32
N ASP B 176 21.97 15.04 -45.83
CA ASP B 176 20.57 15.19 -45.49
C ASP B 176 20.05 14.07 -44.62
N LYS B 177 20.84 13.02 -44.41
CA LYS B 177 20.45 11.94 -43.52
C LYS B 177 20.47 12.37 -42.06
N PHE B 178 21.23 13.41 -41.72
CA PHE B 178 21.33 13.92 -40.37
C PHE B 178 20.92 15.39 -40.35
N ALA B 179 20.24 15.80 -39.28
CA ALA B 179 19.82 17.18 -39.14
C ALA B 179 21.02 18.08 -38.87
N LYS B 180 20.79 19.38 -38.91
CA LYS B 180 21.87 20.30 -38.66
C LYS B 180 22.17 20.38 -37.21
N TYR B 181 21.14 20.62 -36.40
CA TYR B 181 21.35 20.80 -34.98
C TYR B 181 20.40 20.04 -34.09
N SER B 182 20.88 19.59 -32.94
CA SER B 182 20.04 18.95 -31.95
C SER B 182 19.42 20.01 -31.05
N ALA B 183 18.60 19.59 -30.09
CA ALA B 183 17.93 20.55 -29.21
C ALA B 183 18.93 21.38 -28.42
N SER B 184 19.98 20.72 -27.90
CA SER B 184 20.97 21.44 -27.11
C SER B 184 21.73 22.46 -27.95
N GLU B 185 21.98 22.13 -29.20
CA GLU B 185 22.69 23.03 -30.06
C GLU B 185 21.87 24.28 -30.34
N ILE B 186 20.58 24.11 -30.56
CA ILE B 186 19.72 25.24 -30.81
C ILE B 186 19.68 26.14 -29.59
N ASN B 187 19.75 25.55 -28.40
CA ASN B 187 19.76 26.35 -27.19
C ASN B 187 21.07 27.11 -27.02
N LEU B 188 22.19 26.51 -27.44
CA LEU B 188 23.48 27.18 -27.29
C LEU B 188 23.64 28.32 -28.29
N ILE B 189 23.12 28.15 -29.49
CA ILE B 189 23.20 29.20 -30.47
C ILE B 189 22.41 30.40 -29.99
N ARG B 190 21.22 30.18 -29.50
CA ARG B 190 20.43 31.27 -28.97
C ARG B 190 21.13 31.96 -27.82
N ARG B 191 21.79 31.20 -26.96
CA ARG B 191 22.53 31.79 -25.86
C ARG B 191 23.79 32.49 -26.36
N LEU B 192 24.47 31.88 -27.34
CA LEU B 192 25.64 32.53 -27.92
C LEU B 192 25.27 33.82 -28.63
N LEU B 193 24.11 33.84 -29.29
CA LEU B 193 23.65 35.08 -29.89
C LEU B 193 22.84 35.81 -28.81
N GLY B 194 21.99 36.78 -29.17
CA GLY B 194 21.24 37.43 -28.14
C GLY B 194 19.82 36.95 -28.07
N ASP B 195 19.22 36.74 -29.23
CA ASP B 195 17.81 36.40 -29.24
C ASP B 195 17.58 34.95 -28.83
N HIS B 196 16.62 34.74 -27.93
CA HIS B 196 16.13 33.41 -27.59
C HIS B 196 14.91 33.01 -28.42
N ARG B 197 14.37 33.94 -29.22
CA ARG B 197 13.19 33.68 -30.03
C ARG B 197 13.53 33.42 -31.49
N LEU B 198 14.76 32.99 -31.77
CA LEU B 198 15.17 32.73 -33.15
C LEU B 198 14.54 31.43 -33.63
N THR B 199 13.90 31.48 -34.79
CA THR B 199 13.32 30.28 -35.36
C THR B 199 14.37 29.39 -35.95
N ILE B 200 14.00 28.18 -36.31
CA ILE B 200 14.95 27.23 -36.85
C ILE B 200 15.53 27.68 -38.16
N LYS B 201 14.69 28.23 -39.03
CA LYS B 201 15.17 28.69 -40.32
C LYS B 201 16.17 29.80 -40.10
N GLU B 202 15.92 30.66 -39.13
CA GLU B 202 16.89 31.68 -38.81
C GLU B 202 18.18 31.01 -38.39
N ILE B 203 18.13 30.23 -37.35
CA ILE B 203 19.34 29.59 -36.86
C ILE B 203 20.09 28.84 -37.96
N GLU B 204 19.38 28.00 -38.68
CA GLU B 204 20.00 27.23 -39.75
C GLU B 204 20.64 28.12 -40.80
N GLY B 205 20.01 29.27 -41.07
CA GLY B 205 20.48 30.14 -42.13
C GLY B 205 21.69 30.99 -41.78
N ARG B 206 21.77 31.46 -40.53
CA ARG B 206 22.87 32.32 -40.14
C ARG B 206 24.19 31.56 -40.24
N GLN B 207 25.22 32.25 -40.74
CA GLN B 207 26.57 31.71 -40.72
C GLN B 207 27.18 31.90 -39.35
N LEU B 208 27.82 30.86 -38.83
CA LEU B 208 28.32 30.87 -37.48
C LEU B 208 29.83 31.12 -37.45
N ASN B 209 30.27 31.81 -36.40
CA ASN B 209 31.67 32.13 -36.23
C ASN B 209 32.45 30.89 -35.80
N GLN B 210 33.75 30.88 -36.11
CA GLN B 210 34.58 29.71 -35.84
C GLN B 210 34.64 29.39 -34.35
N ASN B 211 34.63 30.41 -33.49
CA ASN B 211 34.62 30.16 -32.06
C ASN B 211 33.28 29.58 -31.61
N GLN B 212 32.18 30.02 -32.24
CA GLN B 212 30.88 29.48 -31.92
C GLN B 212 30.78 28.01 -32.32
N LEU B 213 31.42 27.64 -33.42
CA LEU B 213 31.41 26.23 -33.84
C LEU B 213 32.21 25.36 -32.89
N ARG B 214 33.27 25.90 -32.28
CA ARG B 214 34.03 25.11 -31.32
C ARG B 214 33.19 24.80 -30.08
N GLN B 215 32.44 25.79 -29.59
CA GLN B 215 31.57 25.54 -28.45
C GLN B 215 30.47 24.53 -28.78
N LEU B 216 30.00 24.53 -30.03
CA LEU B 216 29.03 23.52 -30.45
C LEU B 216 29.66 22.13 -30.47
N GLY B 217 30.92 22.04 -30.89
CA GLY B 217 31.60 20.75 -30.91
C GLY B 217 31.89 20.22 -29.52
N ARG B 218 32.20 21.12 -28.58
CA ARG B 218 32.47 20.70 -27.21
C ARG B 218 31.18 20.35 -26.46
N LEU B 219 30.03 20.83 -26.93
CA LEU B 219 28.78 20.57 -26.22
C LEU B 219 28.25 19.17 -26.51
N VAL B 220 28.30 18.74 -27.77
CA VAL B 220 27.75 17.45 -28.16
C VAL B 220 28.79 16.38 -27.87
N ASN B 221 28.47 15.48 -26.94
CA ASN B 221 29.35 14.37 -26.61
C ASN B 221 28.51 13.16 -26.21
N PHE B 222 28.94 11.99 -26.65
CA PHE B 222 28.26 10.75 -26.34
C PHE B 222 29.03 9.97 -25.27
N ALA B 223 28.31 9.16 -24.52
CA ALA B 223 28.90 8.29 -23.52
C ALA B 223 28.40 6.86 -23.74
N GLN B 224 29.17 5.91 -23.22
CA GLN B 224 28.86 4.49 -23.39
C GLN B 224 28.47 3.88 -22.06
N VAL B 225 27.47 2.99 -22.11
CA VAL B 225 27.06 2.20 -20.95
C VAL B 225 27.59 0.78 -21.15
N ALA B 226 27.95 0.14 -20.05
CA ALA B 226 28.49 -1.21 -20.10
C ALA B 226 28.05 -1.97 -18.87
N GLN B 227 28.30 -3.28 -18.88
CA GLN B 227 27.91 -4.13 -17.76
C GLN B 227 28.75 -3.76 -16.53
N GLY B 228 28.14 -3.94 -15.36
CA GLY B 228 28.79 -3.65 -14.10
C GLY B 228 29.34 -4.90 -13.43
N GLN B 229 29.79 -4.72 -12.19
CA GLN B 229 30.28 -5.83 -11.39
C GLN B 229 29.14 -6.66 -10.79
N GLN B 230 27.90 -6.21 -10.93
CA GLN B 230 26.75 -6.88 -10.33
C GLN B 230 25.75 -7.20 -11.44
N GLY B 231 25.57 -8.49 -11.72
CA GLY B 231 24.55 -8.90 -12.67
C GLY B 231 23.17 -8.91 -12.03
N ILE B 232 22.18 -8.52 -12.82
CA ILE B 232 20.82 -8.36 -12.31
C ILE B 232 19.87 -9.27 -13.09
N ASP B 233 20.38 -10.41 -13.57
CA ASP B 233 19.58 -11.29 -14.41
C ASP B 233 18.37 -11.84 -13.66
N ASN B 234 18.57 -12.29 -12.43
CA ASN B 234 17.52 -12.93 -11.64
C ASN B 234 16.96 -12.01 -10.56
N PHE B 235 17.04 -10.70 -10.76
CA PHE B 235 16.60 -9.77 -9.72
C PHE B 235 15.08 -9.78 -9.50
N MET B 236 14.32 -10.13 -10.53
CA MET B 236 12.88 -10.23 -10.35
C MET B 236 12.46 -11.58 -9.77
N GLU B 237 13.25 -12.62 -9.99
CA GLU B 237 12.99 -13.89 -9.33
C GLU B 237 13.07 -13.74 -7.82
N MET B 238 13.91 -12.85 -7.36
CA MET B 238 14.07 -12.63 -5.94
C MET B 238 12.87 -11.97 -5.32
N LEU B 239 12.11 -11.24 -6.13
CA LEU B 239 10.93 -10.53 -5.65
C LEU B 239 9.62 -11.27 -5.91
N ALA B 240 9.65 -12.33 -6.71
CA ALA B 240 8.46 -13.14 -6.97
C ALA B 240 8.35 -14.25 -5.92
N SER B 241 8.30 -13.82 -4.66
CA SER B 241 8.26 -14.74 -3.53
C SER B 241 7.15 -14.33 -2.58
N ASP B 242 6.78 -15.26 -1.70
CA ASP B 242 5.77 -15.03 -0.68
C ASP B 242 6.36 -14.85 0.71
N ARG B 243 7.67 -14.84 0.81
CA ARG B 243 8.31 -14.67 2.08
C ARG B 243 8.74 -13.24 2.28
N ARG B 244 8.12 -12.55 3.21
CA ARG B 244 8.45 -11.17 3.45
C ARG B 244 9.90 -10.98 3.83
N GLN B 245 10.43 -11.89 4.63
CA GLN B 245 11.84 -11.78 5.04
C GLN B 245 12.77 -11.92 3.85
N ASP B 246 12.49 -12.83 2.94
CA ASP B 246 13.32 -12.97 1.74
C ASP B 246 13.25 -11.70 0.93
N VAL B 247 12.05 -11.27 0.62
CA VAL B 247 11.89 -10.08 -0.22
C VAL B 247 12.56 -8.88 0.43
N ARG B 248 12.45 -8.77 1.76
CA ARG B 248 13.10 -7.68 2.47
C ARG B 248 14.62 -7.73 2.30
N ASP B 249 15.20 -8.92 2.45
CA ASP B 249 16.65 -9.04 2.34
C ASP B 249 17.13 -8.77 0.92
N ARG B 250 16.39 -9.25 -0.07
CA ARG B 250 16.81 -9.06 -1.44
C ARG B 250 16.82 -7.60 -1.85
N ILE B 251 15.86 -6.84 -1.36
CA ILE B 251 15.79 -5.43 -1.71
C ILE B 251 16.86 -4.67 -0.98
N ARG B 252 17.11 -5.01 0.27
CA ARG B 252 18.07 -4.28 1.07
C ARG B 252 19.52 -4.65 0.82
N ARG B 253 19.76 -5.84 0.30
CA ARG B 253 21.12 -6.32 0.13
C ARG B 253 21.61 -6.35 -1.31
N GLU B 254 20.71 -6.48 -2.29
CA GLU B 254 21.14 -6.65 -3.67
C GLU B 254 20.49 -5.65 -4.62
N ILE B 255 19.17 -5.51 -4.54
CA ILE B 255 18.44 -4.75 -5.57
C ILE B 255 18.71 -3.26 -5.43
N LEU B 256 18.42 -2.68 -4.26
CA LEU B 256 18.57 -1.25 -4.08
C LEU B 256 20.03 -0.80 -4.14
N PRO B 257 20.99 -1.53 -3.54
CA PRO B 257 22.40 -1.15 -3.74
C PRO B 257 22.79 -1.03 -5.21
N TYR B 258 22.21 -1.86 -6.08
CA TYR B 258 22.53 -1.78 -7.50
C TYR B 258 21.93 -0.53 -8.13
N ILE B 259 20.65 -0.27 -7.85
CA ILE B 259 19.98 0.91 -8.43
C ILE B 259 20.64 2.19 -7.92
N THR B 260 20.97 2.23 -6.62
CA THR B 260 21.66 3.38 -6.07
C THR B 260 23.02 3.58 -6.72
N ASP B 261 23.71 2.47 -7.03
CA ASP B 261 25.04 2.57 -7.64
C ASP B 261 24.95 3.09 -9.06
N ILE B 262 23.98 2.60 -9.85
CA ILE B 262 23.90 2.99 -11.25
C ILE B 262 23.43 4.43 -11.38
N TYR B 263 22.46 4.84 -10.56
CA TYR B 263 21.99 6.22 -10.60
C TYR B 263 23.07 7.20 -10.15
N ASN B 264 23.85 6.80 -9.13
CA ASN B 264 24.94 7.66 -8.69
C ASN B 264 26.12 7.64 -9.66
N ASN B 265 26.27 6.56 -10.42
CA ASN B 265 27.34 6.49 -11.41
C ASN B 265 27.11 7.49 -12.53
N TYR B 266 25.90 7.52 -13.08
CA TYR B 266 25.53 8.47 -14.12
C TYR B 266 24.91 9.75 -13.55
N ARG B 267 25.25 10.08 -12.30
CA ARG B 267 24.67 11.26 -11.66
C ARG B 267 25.10 12.54 -12.36
N GLN B 268 26.39 12.65 -12.71
CA GLN B 268 26.90 13.87 -13.33
CA GLN B 268 26.89 13.87 -13.33
C GLN B 268 26.29 14.10 -14.71
N VAL B 269 25.96 13.02 -15.43
CA VAL B 269 25.38 13.18 -16.76
C VAL B 269 23.95 13.70 -16.66
N LEU B 270 23.27 13.43 -15.55
CA LEU B 270 21.90 13.89 -15.39
C LEU B 270 21.84 15.40 -15.15
N GLU B 271 22.75 15.92 -14.31
CA GLU B 271 22.71 17.33 -13.92
C GLU B 271 23.42 18.24 -14.91
N ASN B 272 24.02 17.70 -15.96
CA ASN B 272 24.74 18.51 -16.93
CA ASN B 272 24.74 18.51 -16.93
C ASN B 272 23.79 19.14 -17.93
N ASN B 273 24.03 20.42 -18.25
CA ASN B 273 23.27 21.16 -19.25
C ASN B 273 21.77 21.16 -18.96
N ILE B 274 21.44 21.16 -17.68
CA ILE B 274 20.05 21.24 -17.29
C ILE B 274 19.90 22.10 -16.05
N GLU B 275 18.80 22.81 -15.97
CA GLU B 275 18.52 23.68 -14.84
C GLU B 275 17.13 23.36 -14.30
N ASN B 276 17.05 23.15 -12.98
CA ASN B 276 15.80 22.82 -12.30
C ASN B 276 15.18 21.54 -12.88
N ARG B 277 15.97 20.48 -12.87
CA ARG B 277 15.47 19.17 -13.29
C ARG B 277 14.54 18.61 -12.23
N ASN B 278 13.48 17.95 -12.68
CA ASN B 278 12.51 17.35 -11.76
C ASN B 278 13.07 16.03 -11.26
N GLN B 279 13.66 16.05 -10.06
CA GLN B 279 14.28 14.85 -9.51
C GLN B 279 13.24 13.79 -9.16
N ARG B 280 12.04 14.19 -8.78
CA ARG B 280 10.99 13.23 -8.47
C ARG B 280 10.64 12.38 -9.66
N PHE B 281 10.30 13.02 -10.76
CA PHE B 281 9.88 12.27 -11.93
C PHE B 281 11.00 11.55 -12.64
N GLU B 282 12.20 12.09 -12.58
CA GLU B 282 13.33 11.40 -13.17
C GLU B 282 13.74 10.18 -12.36
N GLY B 283 13.70 10.29 -11.03
CA GLY B 283 14.00 9.15 -10.18
C GLY B 283 12.98 8.03 -10.35
N HIS B 284 11.71 8.39 -10.56
CA HIS B 284 10.68 7.38 -10.76
C HIS B 284 10.78 6.74 -12.14
N GLY B 285 11.15 7.52 -13.16
CA GLY B 285 11.39 6.94 -14.47
C GLY B 285 12.54 5.96 -14.48
N PHE B 286 13.56 6.22 -13.68
CA PHE B 286 14.67 5.28 -13.59
C PHE B 286 14.24 3.98 -12.97
N LEU B 287 13.42 4.04 -11.94
CA LEU B 287 12.93 2.82 -11.31
C LEU B 287 12.00 2.03 -12.21
N LEU B 288 11.15 2.70 -12.96
CA LEU B 288 10.25 2.02 -13.86
C LEU B 288 10.97 1.35 -15.00
N GLY B 289 12.07 1.94 -15.44
CA GLY B 289 12.88 1.34 -16.47
C GLY B 289 13.58 0.08 -16.06
N PHE B 290 14.08 0.08 -14.84
CA PHE B 290 14.69 -1.10 -14.32
C PHE B 290 13.66 -2.20 -14.38
N LEU B 291 12.44 -1.90 -13.95
CA LEU B 291 11.40 -2.93 -13.95
C LEU B 291 10.97 -3.29 -15.36
N ALA B 292 10.95 -2.30 -16.27
CA ALA B 292 10.50 -2.55 -17.64
C ALA B 292 11.41 -3.52 -18.37
N ASN B 293 12.67 -3.66 -17.94
CA ASN B 293 13.56 -4.63 -18.57
C ASN B 293 13.16 -6.07 -18.27
N PHE B 294 12.30 -6.30 -17.29
CA PHE B 294 11.79 -7.63 -16.98
C PHE B 294 10.31 -7.77 -17.30
N SER B 295 9.73 -6.80 -18.03
CA SER B 295 8.30 -6.81 -18.28
C SER B 295 7.88 -7.98 -19.18
N HIS B 296 8.74 -8.39 -20.10
CA HIS B 296 8.40 -9.45 -21.04
C HIS B 296 8.50 -10.85 -20.44
N ARG B 297 9.15 -10.99 -19.28
CA ARG B 297 9.36 -12.30 -18.68
C ARG B 297 8.50 -12.58 -17.46
N TYR B 298 7.95 -11.53 -16.86
CA TYR B 298 7.19 -11.69 -15.64
C TYR B 298 5.91 -10.89 -15.62
N THR B 299 4.94 -11.35 -14.85
CA THR B 299 3.68 -10.64 -14.68
C THR B 299 3.90 -9.61 -13.58
N ILE B 300 4.35 -8.42 -13.97
CA ILE B 300 4.60 -7.33 -13.05
C ILE B 300 3.44 -6.36 -13.11
N GLY B 301 3.09 -5.77 -11.95
CA GLY B 301 2.08 -4.73 -11.90
C GLY B 301 2.59 -3.54 -11.12
N VAL B 302 2.56 -2.36 -11.73
CA VAL B 302 3.10 -1.15 -11.13
C VAL B 302 1.97 -0.15 -10.93
N ASP B 303 1.81 0.34 -9.71
CA ASP B 303 0.82 1.36 -9.39
C ASP B 303 1.56 2.63 -9.01
N LEU B 304 1.59 3.58 -9.92
CA LEU B 304 2.31 4.81 -9.70
C LEU B 304 1.39 5.91 -9.23
N ASP B 305 1.79 6.61 -8.19
CA ASP B 305 1.05 7.76 -7.67
C ASP B 305 1.99 8.96 -7.67
N LEU B 306 1.96 9.75 -8.74
CA LEU B 306 2.81 10.90 -8.85
C LEU B 306 2.06 12.20 -8.84
N SER B 307 0.81 12.17 -8.41
CA SER B 307 0.05 13.39 -8.24
C SER B 307 0.81 14.34 -7.31
N PRO B 308 0.49 15.64 -7.33
CA PRO B 308 1.11 16.57 -6.38
C PRO B 308 0.98 16.07 -4.95
N ARG B 309 2.04 16.28 -4.17
CA ARG B 309 2.16 15.82 -2.78
C ARG B 309 2.18 14.30 -2.67
N ASN B 310 2.49 13.59 -3.77
CA ASN B 310 2.57 12.14 -3.76
C ASN B 310 3.77 11.71 -4.59
N SER B 311 4.58 10.80 -4.04
CA SER B 311 5.79 10.32 -4.72
C SER B 311 5.96 8.83 -4.45
N HIS B 312 4.87 8.07 -4.59
CA HIS B 312 4.86 6.66 -4.25
C HIS B 312 4.85 5.79 -5.52
N VAL B 313 5.38 4.59 -5.38
CA VAL B 313 5.27 3.56 -6.42
C VAL B 313 5.18 2.20 -5.74
N ALA B 314 4.13 1.44 -6.06
CA ALA B 314 3.94 0.10 -5.49
C ALA B 314 3.87 -0.90 -6.63
N PHE B 315 4.65 -1.96 -6.53
CA PHE B 315 4.68 -2.97 -7.57
C PHE B 315 4.70 -4.37 -6.95
N LEU B 316 4.33 -5.35 -7.77
CA LEU B 316 4.23 -6.75 -7.35
C LEU B 316 4.71 -7.64 -8.48
N VAL B 317 5.66 -8.51 -8.18
CA VAL B 317 6.29 -9.37 -9.18
C VAL B 317 5.76 -10.79 -9.02
N ARG B 318 5.34 -11.39 -10.13
CA ARG B 318 4.82 -12.75 -10.13
C ARG B 318 5.27 -13.46 -11.41
N HIS B 319 5.38 -14.78 -11.33
CA HIS B 319 5.64 -15.56 -12.54
CA HIS B 319 5.64 -15.56 -12.54
C HIS B 319 4.37 -15.75 -13.36
N GLN B 320 3.30 -16.22 -12.72
CA GLN B 320 2.02 -16.38 -13.39
C GLN B 320 0.89 -15.82 -12.54
N VAL B 321 0.13 -16.69 -11.88
CA VAL B 321 -1.01 -16.24 -11.08
C VAL B 321 -0.85 -16.66 -9.62
N GLU B 322 0.27 -16.28 -9.01
CA GLU B 322 0.43 -16.44 -7.57
C GLU B 322 -0.40 -15.40 -6.84
N ARG B 323 -1.00 -15.78 -5.73
CA ARG B 323 -1.92 -14.91 -5.01
C ARG B 323 -1.37 -14.44 -3.66
N GLU B 324 -0.18 -14.89 -3.25
CA GLU B 324 0.36 -14.55 -1.95
C GLU B 324 1.69 -13.82 -2.02
N ASN B 325 2.09 -13.33 -3.19
CA ASN B 325 3.40 -12.70 -3.33
C ASN B 325 3.43 -11.34 -2.65
N ILE B 326 4.63 -10.93 -2.26
CA ILE B 326 4.83 -9.78 -1.37
C ILE B 326 4.89 -8.51 -2.23
N PRO B 327 4.00 -7.55 -2.01
CA PRO B 327 4.13 -6.25 -2.71
C PRO B 327 5.26 -5.43 -2.11
N ILE B 328 5.72 -4.46 -2.90
CA ILE B 328 6.79 -3.55 -2.51
C ILE B 328 6.32 -2.12 -2.74
N VAL B 329 6.48 -1.27 -1.73
CA VAL B 329 6.05 0.12 -1.79
C VAL B 329 7.28 1.00 -1.56
N ILE B 330 7.59 1.82 -2.57
CA ILE B 330 8.73 2.70 -2.50
C ILE B 330 8.31 4.15 -2.59
N ASN B 331 8.79 4.97 -1.67
CA ASN B 331 8.55 6.41 -1.70
C ASN B 331 9.86 7.11 -2.04
N LEU B 332 9.85 7.92 -3.09
CA LEU B 332 11.03 8.64 -3.54
C LEU B 332 10.98 10.07 -2.99
N ALA B 333 12.03 10.48 -2.30
CA ALA B 333 12.09 11.81 -1.72
C ALA B 333 13.30 12.57 -2.21
N THR B 334 13.08 13.66 -2.92
CA THR B 334 14.16 14.45 -3.43
C THR B 334 14.97 15.14 -2.36
N ARG B 335 14.31 15.73 -1.39
CA ARG B 335 15.02 16.48 -0.38
C ARG B 335 14.49 16.17 0.99
N ALA B 336 14.55 14.91 1.37
CA ALA B 336 14.00 14.53 2.64
C ALA B 336 14.85 13.48 3.29
N PRO B 337 14.86 13.47 4.61
CA PRO B 337 15.60 12.45 5.30
C PRO B 337 15.15 11.02 4.97
N PRO B 338 16.02 9.98 5.09
CA PRO B 338 15.58 8.64 4.68
C PRO B 338 14.45 8.10 5.53
N TYR B 339 14.43 8.43 6.80
CA TYR B 339 13.40 7.94 7.69
C TYR B 339 12.09 8.61 7.34
N ILE B 340 12.16 9.85 6.91
CA ILE B 340 10.96 10.58 6.55
C ILE B 340 10.37 9.94 5.31
N ALA B 341 11.21 9.58 4.36
CA ALA B 341 10.73 8.92 3.16
C ALA B 341 10.12 7.55 3.47
N LEU B 342 10.70 6.84 4.43
CA LEU B 342 10.12 5.56 4.83
C LEU B 342 8.77 5.76 5.52
N ASN B 343 8.64 6.81 6.30
CA ASN B 343 7.37 7.08 6.93
C ASN B 343 6.32 7.24 5.87
N ARG B 344 6.62 8.00 4.85
CA ARG B 344 5.66 8.21 3.77
C ARG B 344 5.32 6.90 3.07
N ALA B 345 6.30 6.00 2.95
CA ALA B 345 6.04 4.71 2.32
C ALA B 345 5.17 3.83 3.21
N ARG B 346 5.31 3.96 4.51
CA ARG B 346 4.52 3.18 5.44
C ARG B 346 3.11 3.69 5.50
N SER B 347 2.95 5.01 5.42
CA SER B 347 1.62 5.59 5.42
C SER B 347 0.85 5.17 4.18
N HIS B 348 1.49 5.09 3.03
CA HIS B 348 0.81 4.66 1.82
C HIS B 348 0.40 3.22 1.92
N ALA B 349 1.27 2.40 2.50
CA ALA B 349 1.01 0.99 2.65
C ALA B 349 -0.14 0.62 3.53
N GLU B 350 -0.32 1.33 4.61
CA GLU B 350 -1.44 1.09 5.50
C GLU B 350 -2.78 1.34 4.84
N ARG B 351 -2.83 2.27 3.91
CA ARG B 351 -4.05 2.58 3.19
C ARG B 351 -4.02 2.06 1.76
N LEU B 352 -3.25 0.98 1.54
CA LEU B 352 -3.05 0.47 0.18
C LEU B 352 -4.32 -0.13 -0.42
N HIS B 353 -5.27 -0.55 0.41
CA HIS B 353 -6.50 -1.13 -0.13
C HIS B 353 -7.41 -0.06 -0.74
N VAL B 354 -7.41 1.15 -0.16
CA VAL B 354 -8.17 2.24 -0.74
C VAL B 354 -7.49 2.74 -2.02
N PHE B 355 -6.17 2.88 -1.98
CA PHE B 355 -5.45 3.57 -3.05
C PHE B 355 -5.18 2.66 -4.24
N SER B 356 -4.72 1.43 -3.99
CA SER B 356 -4.04 0.65 -5.01
C SER B 356 -4.84 -0.58 -5.43
N PHE B 357 -4.56 -1.04 -6.65
CA PHE B 357 -5.03 -2.33 -7.12
C PHE B 357 -4.13 -3.47 -6.69
N ILE B 358 -2.96 -3.18 -6.14
CA ILE B 358 -2.05 -4.22 -5.75
C ILE B 358 -2.68 -5.18 -4.68
N PRO B 359 -3.34 -4.67 -3.62
CA PRO B 359 -4.00 -5.61 -2.70
C PRO B 359 -5.09 -6.45 -3.34
N ILE B 360 -5.45 -6.18 -4.58
CA ILE B 360 -6.40 -7.03 -5.29
C ILE B 360 -5.69 -8.18 -6.02
N HIS B 361 -4.48 -7.94 -6.51
CA HIS B 361 -3.72 -8.96 -7.23
C HIS B 361 -2.92 -9.86 -6.30
N THR B 362 -2.90 -9.57 -5.01
CA THR B 362 -2.25 -10.43 -4.03
C THR B 362 -3.05 -10.43 -2.74
N GLU B 363 -2.99 -11.56 -2.03
CA GLU B 363 -3.66 -11.70 -0.74
C GLU B 363 -2.66 -11.74 0.42
N SER B 364 -1.50 -11.12 0.22
CA SER B 364 -0.48 -11.10 1.26
C SER B 364 -0.88 -10.16 2.39
N ARG B 365 -0.60 -10.57 3.62
CA ARG B 365 -0.91 -9.78 4.80
C ARG B 365 0.20 -8.81 5.17
N ASN B 366 1.28 -8.75 4.40
CA ASN B 366 2.40 -7.87 4.68
C ASN B 366 2.91 -7.26 3.38
N THR B 367 3.59 -6.12 3.54
CA THR B 367 4.19 -5.44 2.41
C THR B 367 5.57 -4.94 2.78
N VAL B 368 6.50 -4.95 1.85
CA VAL B 368 7.85 -4.44 2.07
C VAL B 368 7.89 -2.98 1.66
N CYS B 369 8.19 -2.11 2.62
CA CYS B 369 8.23 -0.67 2.39
C CYS B 369 9.68 -0.20 2.23
N VAL B 370 9.85 0.79 1.35
CA VAL B 370 11.16 1.35 1.07
C VAL B 370 11.14 2.85 0.89
N GLY B 371 11.92 3.58 1.65
CA GLY B 371 12.07 5.02 1.51
C GLY B 371 13.43 5.31 0.90
N LEU B 372 13.42 6.05 -0.20
CA LEU B 372 14.60 6.24 -1.03
C LEU B 372 14.82 7.73 -1.27
N ASN B 373 16.06 8.18 -1.04
CA ASN B 373 16.51 9.52 -1.42
C ASN B 373 17.88 9.35 -2.09
N PHE B 374 17.91 9.51 -3.42
CA PHE B 374 19.14 9.30 -4.17
C PHE B 374 20.22 10.33 -3.83
N ASN B 375 19.85 11.50 -3.31
CA ASN B 375 20.80 12.58 -3.09
C ASN B 375 21.68 12.37 -1.86
N LEU B 376 21.23 11.56 -0.93
CA LEU B 376 21.98 11.41 0.31
C LEU B 376 23.23 10.56 0.12
N ASN B 377 24.33 11.03 0.70
CA ASN B 377 25.57 10.27 0.61
C ASN B 377 25.56 9.07 1.57
N LEU B 378 24.98 9.25 2.75
CA LEU B 378 24.86 8.19 3.74
C LEU B 378 23.38 7.87 3.96
N ASP B 379 23.06 6.59 4.04
CA ASP B 379 21.68 6.16 4.19
C ASP B 379 20.75 6.62 3.08
N PRO B 380 21.02 6.18 1.85
CA PRO B 380 20.09 6.56 0.79
C PRO B 380 18.74 5.86 0.82
N PHE B 381 18.65 4.70 1.45
CA PHE B 381 17.39 3.99 1.53
C PHE B 381 17.24 3.30 2.89
N SER B 382 15.99 3.00 3.23
CA SER B 382 15.63 2.26 4.43
C SER B 382 14.46 1.35 4.11
N VAL B 383 14.54 0.11 4.59
CA VAL B 383 13.52 -0.88 4.30
C VAL B 383 12.92 -1.47 5.56
N ASP B 384 11.60 -1.61 5.59
CA ASP B 384 10.89 -2.22 6.71
C ASP B 384 9.65 -2.92 6.18
N THR B 385 9.04 -3.71 7.05
CA THR B 385 7.84 -4.44 6.69
C THR B 385 6.64 -3.90 7.43
N VAL B 386 5.52 -3.77 6.74
CA VAL B 386 4.28 -3.22 7.28
C VAL B 386 3.14 -4.18 6.98
N GLY B 387 2.24 -4.35 7.94
CA GLY B 387 1.08 -5.19 7.72
C GLY B 387 0.15 -4.63 6.67
N LEU B 388 -0.45 -5.54 5.89
CA LEU B 388 -1.38 -5.17 4.82
C LEU B 388 -2.72 -5.84 5.07
N GLN B 389 -3.70 -5.05 5.50
CA GLN B 389 -5.05 -5.56 5.75
C GLN B 389 -6.05 -4.46 5.44
N GLN B 390 -7.22 -4.86 4.94
CA GLN B 390 -8.26 -3.89 4.63
C GLN B 390 -8.94 -3.45 5.92
N ASP B 391 -9.09 -2.14 6.08
CA ASP B 391 -9.67 -1.57 7.29
C ASP B 391 -11.11 -1.14 7.04
N ARG B 392 -11.96 -1.30 8.05
CA ARG B 392 -13.34 -0.84 8.02
C ARG B 392 -13.46 0.36 8.96
N PHE B 393 -13.61 1.54 8.39
CA PHE B 393 -13.64 2.78 9.15
C PHE B 393 -15.07 3.08 9.56
N PRO B 394 -15.41 3.03 10.86
CA PRO B 394 -16.78 3.39 11.27
C PRO B 394 -16.96 4.89 11.38
N LEU B 395 -17.55 5.49 10.34
CA LEU B 395 -17.60 6.96 10.26
C LEU B 395 -18.42 7.56 11.40
N VAL B 396 -19.62 7.03 11.64
CA VAL B 396 -20.47 7.58 12.68
C VAL B 396 -19.84 7.38 14.05
N GLN B 397 -19.23 6.24 14.29
CA GLN B 397 -18.61 5.98 15.56
C GLN B 397 -17.42 6.90 15.82
N ARG B 398 -16.55 7.06 14.84
CA ARG B 398 -15.42 7.96 15.01
C ARG B 398 -15.87 9.40 15.19
N LEU B 399 -16.99 9.77 14.57
CA LEU B 399 -17.53 11.12 14.76
C LEU B 399 -17.88 11.37 16.22
N PHE B 400 -18.52 10.39 16.87
CA PHE B 400 -18.83 10.52 18.28
C PHE B 400 -17.57 10.45 19.14
N GLU B 401 -16.61 9.61 18.75
CA GLU B 401 -15.38 9.46 19.52
C GLU B 401 -14.48 10.69 19.40
N CYS B 402 -14.61 11.47 18.32
CA CYS B 402 -13.73 12.62 18.12
C CYS B 402 -14.13 13.83 18.96
N LEU B 403 -15.22 13.74 19.69
CA LEU B 403 -15.66 14.86 20.50
C LEU B 403 -14.80 14.97 21.75
N GLU B 404 -14.40 13.84 22.32
CA GLU B 404 -13.58 13.79 23.51
C GLU B 404 -12.16 13.30 23.24
N ASN B 405 -11.86 12.88 22.01
CA ASN B 405 -10.54 12.34 21.68
C ASN B 405 -9.99 13.07 20.47
N GLU B 406 -8.80 13.63 20.63
CA GLU B 406 -8.14 14.37 19.56
C GLU B 406 -7.36 13.40 18.67
N GLY B 407 -7.24 13.78 17.40
CA GLY B 407 -6.56 12.97 16.40
C GLY B 407 -7.49 12.16 15.52
N ILE B 408 -8.70 11.88 16.00
CA ILE B 408 -9.67 11.17 15.16
C ILE B 408 -10.09 12.03 13.99
N ARG B 409 -10.02 13.35 14.15
CA ARG B 409 -10.34 14.26 13.04
C ARG B 409 -9.43 14.00 11.85
N GLU B 410 -8.14 13.75 12.12
CA GLU B 410 -7.20 13.41 11.04
C GLU B 410 -7.66 12.16 10.29
N ASN B 411 -8.02 11.11 11.04
CA ASN B 411 -8.47 9.87 10.42
C ASN B 411 -9.78 10.07 9.66
N ILE B 412 -10.69 10.89 10.22
CA ILE B 412 -11.94 11.16 9.53
C ILE B 412 -11.68 11.91 8.24
N ARG B 413 -10.82 12.92 8.28
CA ARG B 413 -10.44 13.63 7.06
C ARG B 413 -9.75 12.70 6.07
N ASP B 414 -8.82 11.88 6.57
CA ASP B 414 -8.12 10.96 5.69
C ASP B 414 -9.08 9.94 5.08
N PHE B 415 -10.09 9.53 5.84
CA PHE B 415 -11.07 8.59 5.31
C PHE B 415 -11.81 9.18 4.10
N LEU B 416 -12.24 10.44 4.22
CA LEU B 416 -13.01 11.05 3.13
C LEU B 416 -12.11 11.42 1.96
N LEU B 417 -10.89 11.89 2.24
CA LEU B 417 -10.02 12.36 1.16
C LEU B 417 -9.41 11.18 0.39
N HIS B 418 -8.98 10.14 1.10
CA HIS B 418 -8.30 9.03 0.43
C HIS B 418 -9.22 8.26 -0.50
N HIS B 419 -10.52 8.25 -0.21
CA HIS B 419 -11.49 7.55 -1.05
C HIS B 419 -11.89 8.35 -2.27
N LEU B 420 -11.41 9.59 -2.40
CA LEU B 420 -11.63 10.34 -3.62
C LEU B 420 -11.00 9.60 -4.80
N PRO B 421 -11.65 9.57 -5.96
CA PRO B 421 -11.04 8.93 -7.13
C PRO B 421 -9.77 9.66 -7.54
N ALA B 422 -8.70 8.89 -7.76
CA ALA B 422 -7.44 9.48 -8.19
C ALA B 422 -7.55 10.13 -9.56
N GLU B 423 -8.55 9.75 -10.36
CA GLU B 423 -8.72 10.36 -11.67
C GLU B 423 -9.05 11.84 -11.56
N ILE B 424 -9.86 12.21 -10.56
CA ILE B 424 -10.26 13.60 -10.37
C ILE B 424 -9.11 14.38 -9.75
N PRO B 425 -8.55 15.37 -10.44
CA PRO B 425 -7.50 16.19 -9.82
C PRO B 425 -8.06 17.10 -8.75
N ARG B 426 -7.28 17.30 -7.70
CA ARG B 426 -7.69 18.15 -6.58
C ARG B 426 -7.18 19.58 -6.81
N ASN B 427 -7.79 20.25 -7.78
CA ASN B 427 -7.49 21.63 -8.11
C ASN B 427 -8.79 22.43 -8.10
N ALA B 428 -8.67 23.73 -8.39
CA ALA B 428 -9.82 24.60 -8.39
C ALA B 428 -10.81 24.27 -9.50
N GLU B 429 -10.34 23.66 -10.60
CA GLU B 429 -11.22 23.34 -11.72
C GLU B 429 -12.15 22.17 -11.41
N ASN B 430 -11.84 21.37 -10.39
CA ASN B 430 -12.67 20.24 -10.01
C ASN B 430 -13.18 20.36 -8.58
N TYR B 431 -13.27 21.57 -8.05
CA TYR B 431 -13.76 21.77 -6.69
C TYR B 431 -15.12 21.12 -6.49
N ASP B 432 -16.05 21.37 -7.42
CA ASP B 432 -17.40 20.85 -7.27
C ASP B 432 -17.41 19.32 -7.36
N ARG B 433 -16.55 18.75 -8.21
CA ARG B 433 -16.43 17.29 -8.25
C ARG B 433 -15.97 16.74 -6.91
N ILE B 434 -14.92 17.36 -6.33
CA ILE B 434 -14.41 16.90 -5.05
C ILE B 434 -15.45 17.08 -3.96
N PHE B 435 -16.18 18.19 -3.98
CA PHE B 435 -17.22 18.41 -2.98
C PHE B 435 -18.38 17.44 -3.16
N ASP B 436 -18.73 17.14 -4.41
CA ASP B 436 -19.81 16.19 -4.65
C ASP B 436 -19.42 14.78 -4.20
N CYS B 437 -18.15 14.42 -4.39
CA CYS B 437 -17.70 13.09 -3.98
C CYS B 437 -17.64 12.97 -2.46
N ILE B 438 -17.12 14.00 -1.78
CA ILE B 438 -16.95 13.93 -0.34
C ILE B 438 -18.30 13.87 0.36
N THR B 439 -19.24 14.73 -0.06
CA THR B 439 -20.56 14.75 0.59
C THR B 439 -21.35 13.48 0.28
N GLY B 440 -21.29 13.01 -0.96
CA GLY B 440 -21.99 11.77 -1.30
C GLY B 440 -21.42 10.57 -0.59
N PHE B 441 -20.09 10.51 -0.46
CA PHE B 441 -19.46 9.42 0.28
C PHE B 441 -19.84 9.46 1.75
N ALA B 442 -19.78 10.66 2.35
CA ALA B 442 -20.13 10.80 3.76
C ALA B 442 -21.59 10.42 4.00
N PHE B 443 -22.48 10.78 3.07
CA PHE B 443 -23.89 10.45 3.24
C PHE B 443 -24.11 8.95 3.18
N GLY B 444 -23.58 8.28 2.16
CA GLY B 444 -23.77 6.84 2.03
C GLY B 444 -23.23 6.07 3.22
N ASN B 445 -22.09 6.51 3.76
CA ASN B 445 -21.50 5.84 4.91
C ASN B 445 -22.37 5.99 6.15
N SER B 446 -22.87 7.20 6.40
CA SER B 446 -23.63 7.47 7.62
C SER B 446 -25.10 7.06 7.51
N ALA B 447 -25.74 7.31 6.36
CA ALA B 447 -27.15 6.97 6.22
C ALA B 447 -27.36 5.46 6.19
N PHE B 448 -26.36 4.70 5.78
CA PHE B 448 -26.49 3.25 5.64
C PHE B 448 -25.70 2.49 6.70
N ASP B 449 -25.48 3.09 7.86
CA ASP B 449 -24.82 2.43 8.98
C ASP B 449 -25.90 1.84 9.90
N ARG B 450 -25.90 0.51 10.01
CA ARG B 450 -26.90 -0.18 10.83
C ARG B 450 -26.47 -0.36 12.28
N HIS B 451 -25.22 -0.09 12.60
CA HIS B 451 -24.78 -0.45 13.95
C HIS B 451 -25.09 0.65 14.95
N PRO B 452 -25.27 0.24 16.24
CA PRO B 452 -25.47 1.30 17.21
C PRO B 452 -24.16 1.91 17.64
N LEU B 453 -24.25 2.92 18.48
CA LEU B 453 -23.06 3.56 18.96
C LEU B 453 -22.51 2.87 20.16
N GLU B 454 -21.26 2.51 20.11
CA GLU B 454 -20.58 1.91 21.26
C GLU B 454 -20.11 3.04 22.17
N LEU B 455 -20.78 3.22 23.29
CA LEU B 455 -20.45 4.31 24.19
C LEU B 455 -19.18 4.02 24.96
N GLU B 456 -18.60 5.04 25.54
CA GLU B 456 -17.36 4.88 26.31
C GLU B 456 -17.61 4.11 27.61
N GLU B 457 -18.77 4.28 28.21
CA GLU B 457 -19.04 3.73 29.54
C GLU B 457 -19.82 2.41 29.44
N GLU B 458 -19.25 1.48 28.66
CA GLU B 458 -19.71 0.08 28.64
C GLU B 458 -21.20 -0.02 28.31
N ASP B 459 -21.59 0.65 27.24
CA ASP B 459 -22.99 0.68 26.87
C ASP B 459 -23.15 0.92 25.39
N GLU B 460 -24.34 0.69 24.87
CA GLU B 460 -24.61 0.89 23.47
C GLU B 460 -25.93 1.63 23.31
N ALA B 461 -26.07 2.43 22.27
CA ALA B 461 -27.26 3.24 22.04
C ALA B 461 -27.61 3.26 20.56
N PRO B 462 -28.87 3.06 20.20
CA PRO B 462 -29.25 3.10 18.78
C PRO B 462 -29.24 4.53 18.25
N ILE B 463 -28.84 4.65 16.98
CA ILE B 463 -28.74 5.95 16.34
C ILE B 463 -29.72 6.19 15.24
N THR B 464 -30.58 7.17 15.41
CA THR B 464 -31.53 7.59 14.38
C THR B 464 -30.90 8.75 13.61
N LYS B 465 -30.77 8.59 12.31
CA LYS B 465 -30.08 9.56 11.47
C LYS B 465 -31.07 10.53 10.82
N TYR B 466 -30.65 11.78 10.70
CA TYR B 466 -31.42 12.83 10.04
C TYR B 466 -30.53 13.52 9.02
N ILE B 467 -31.16 14.16 8.04
CA ILE B 467 -30.46 15.02 7.09
C ILE B 467 -31.28 16.28 6.89
N PHE B 468 -30.60 17.43 6.89
CA PHE B 468 -31.26 18.72 6.87
C PHE B 468 -31.21 19.33 5.47
N ARG B 469 -32.34 19.88 5.04
CA ARG B 469 -32.44 20.57 3.75
CA ARG B 469 -32.44 20.57 3.75
C ARG B 469 -32.46 22.06 4.01
N HIS B 470 -31.40 22.76 3.59
CA HIS B 470 -31.31 24.19 3.80
C HIS B 470 -32.36 24.92 2.97
N GLY B 471 -32.74 26.11 3.44
CA GLY B 471 -33.71 26.91 2.71
C GLY B 471 -33.22 27.29 1.32
N ASP B 472 -31.94 27.64 1.21
CA ASP B 472 -31.33 27.91 -0.09
C ASP B 472 -31.21 26.60 -0.85
N GLU B 473 -31.95 26.49 -1.96
CA GLU B 473 -31.91 25.27 -2.76
C GLU B 473 -30.54 25.04 -3.38
N GLY B 474 -29.83 26.12 -3.72
CA GLY B 474 -28.51 25.99 -4.31
C GLY B 474 -27.41 26.31 -3.32
N LEU B 475 -27.39 25.58 -2.20
CA LEU B 475 -26.32 25.75 -1.21
C LEU B 475 -25.49 24.49 -1.15
N ARG B 476 -24.18 24.66 -1.19
CA ARG B 476 -23.24 23.53 -1.17
C ARG B 476 -22.85 23.24 0.26
N CYS B 477 -23.74 22.54 0.97
CA CYS B 477 -23.50 22.15 2.35
C CYS B 477 -24.33 20.92 2.67
N LEU B 478 -23.67 19.85 3.11
CA LEU B 478 -24.36 18.66 3.59
C LEU B 478 -24.37 18.71 5.12
N THR B 479 -25.58 18.71 5.69
CA THR B 479 -25.76 18.78 7.13
C THR B 479 -26.57 17.57 7.58
N MET B 480 -26.02 16.80 8.51
CA MET B 480 -26.72 15.65 9.07
C MET B 480 -26.66 15.69 10.59
N VAL B 481 -27.63 15.02 11.19
CA VAL B 481 -27.72 14.96 12.63
C VAL B 481 -27.79 13.49 13.05
N PHE B 482 -26.97 13.09 14.01
CA PHE B 482 -26.93 11.73 14.53
C PHE B 482 -27.32 11.76 15.99
N HIS B 483 -28.44 11.15 16.33
CA HIS B 483 -28.97 11.13 17.68
CA HIS B 483 -28.97 11.13 17.68
C HIS B 483 -28.77 9.74 18.27
N ALA B 484 -27.91 9.64 19.28
CA ALA B 484 -27.70 8.40 20.01
C ALA B 484 -28.72 8.37 21.15
N GLU B 485 -29.74 7.52 21.00
CA GLU B 485 -30.85 7.51 21.94
C GLU B 485 -30.37 7.24 23.36
N GLY B 486 -30.62 8.20 24.25
CA GLY B 486 -30.12 8.14 25.60
C GLY B 486 -28.76 8.81 25.79
N SER B 487 -28.10 9.20 24.71
CA SER B 487 -26.80 9.83 24.80
C SER B 487 -26.79 11.17 24.06
N ASP B 488 -25.64 11.57 23.55
CA ASP B 488 -25.47 12.90 22.97
C ASP B 488 -25.91 12.91 21.51
N ILE B 489 -26.00 14.13 20.97
CA ILE B 489 -26.39 14.38 19.59
C ILE B 489 -25.24 15.09 18.89
N VAL B 490 -24.95 14.66 17.67
CA VAL B 490 -23.85 15.24 16.88
C VAL B 490 -24.42 15.78 15.58
N ILE B 491 -24.21 17.06 15.35
CA ILE B 491 -24.63 17.68 14.09
C ILE B 491 -23.38 17.77 13.26
N LEU B 492 -23.40 17.19 12.07
CA LEU B 492 -22.26 17.18 11.17
C LEU B 492 -22.50 18.15 10.02
N HIS B 493 -21.54 19.04 9.80
CA HIS B 493 -21.58 19.99 8.69
C HIS B 493 -20.40 19.71 7.77
N ILE B 494 -20.68 19.51 6.49
CA ILE B 494 -19.66 19.44 5.46
C ILE B 494 -19.97 20.58 4.49
N ARG B 495 -19.30 21.70 4.69
CA ARG B 495 -19.61 22.93 3.97
C ARG B 495 -18.56 23.22 2.90
N ALA B 496 -18.99 23.93 1.86
CA ALA B 496 -18.07 24.45 0.87
C ALA B 496 -17.36 25.68 1.42
N HIS B 497 -16.44 26.24 0.65
CA HIS B 497 -15.66 27.37 1.12
C HIS B 497 -16.51 28.61 1.38
N ASP B 498 -17.72 28.67 0.81
CA ASP B 498 -18.58 29.83 0.96
C ASP B 498 -19.88 29.52 1.69
N ALA B 499 -20.11 28.27 2.11
CA ALA B 499 -21.34 27.90 2.81
C ALA B 499 -21.10 27.87 4.32
N GLN B 500 -20.75 29.04 4.85
CA GLN B 500 -20.39 29.18 6.26
C GLN B 500 -21.53 29.75 7.10
N GLN B 501 -22.76 29.34 6.83
CA GLN B 501 -23.89 29.78 7.65
C GLN B 501 -23.81 29.14 9.03
N GLN B 502 -24.10 29.93 10.06
CA GLN B 502 -24.00 29.46 11.44
C GLN B 502 -25.34 29.48 12.16
N GLY B 503 -26.45 29.56 11.42
CA GLY B 503 -27.74 29.38 12.04
C GLY B 503 -27.89 27.99 12.62
N ALA B 504 -28.63 27.91 13.73
CA ALA B 504 -28.78 26.64 14.43
C ALA B 504 -29.80 25.74 13.75
N ILE B 505 -29.57 24.44 13.83
CA ILE B 505 -30.49 23.45 13.30
C ILE B 505 -31.51 23.11 14.38
N ASN B 506 -32.79 23.25 14.05
CA ASN B 506 -33.86 22.95 15.00
C ASN B 506 -33.93 21.45 15.24
N LEU B 507 -33.82 21.04 16.50
CA LEU B 507 -33.89 19.64 16.89
C LEU B 507 -35.15 19.33 17.70
N GLN B 508 -36.23 20.07 17.44
CA GLN B 508 -37.48 19.83 18.15
C GLN B 508 -38.12 18.51 17.73
N THR B 509 -37.92 18.09 16.49
CA THR B 509 -38.50 16.83 16.03
C THR B 509 -37.88 15.64 16.75
N LEU B 510 -36.61 15.75 17.15
CA LEU B 510 -35.95 14.67 17.88
C LEU B 510 -36.62 14.47 19.23
N ASN B 511 -37.04 13.24 19.50
CA ASN B 511 -37.63 12.89 20.78
C ASN B 511 -36.51 12.60 21.76
N VAL B 512 -36.17 13.60 22.56
CA VAL B 512 -35.05 13.45 23.48
C VAL B 512 -35.45 13.69 24.92
N ASN B 513 -35.27 12.70 25.78
CA ASN B 513 -35.50 12.92 27.21
C ASN B 513 -34.35 13.81 27.60
N GLY B 514 -34.54 14.76 28.50
CA GLY B 514 -33.45 15.70 28.75
C GLY B 514 -32.16 15.12 29.24
N ASN B 515 -32.20 14.25 30.24
CA ASN B 515 -30.99 13.53 30.68
C ASN B 515 -29.72 14.35 30.86
N ASP B 516 -28.61 13.83 30.36
CA ASP B 516 -27.36 14.56 30.41
C ASP B 516 -27.06 14.83 28.95
N VAL B 517 -28.08 14.75 28.11
CA VAL B 517 -27.90 14.92 26.68
C VAL B 517 -27.32 16.23 26.20
N HIS B 518 -26.21 16.15 25.49
CA HIS B 518 -25.57 17.33 24.93
C HIS B 518 -25.69 17.33 23.42
N VAL B 519 -25.70 18.52 22.83
CA VAL B 519 -25.70 18.68 21.38
C VAL B 519 -24.30 19.12 20.97
N TRP B 520 -23.68 18.36 20.07
CA TRP B 520 -22.35 18.64 19.56
C TRP B 520 -22.43 19.01 18.08
N GLU B 521 -21.43 19.76 17.62
CA GLU B 521 -21.31 20.09 16.22
C GLU B 521 -19.89 19.82 15.75
N VAL B 522 -19.77 19.18 14.59
CA VAL B 522 -18.50 18.95 13.93
C VAL B 522 -18.64 19.54 12.53
N SER B 523 -17.90 20.62 12.27
CA SER B 523 -18.01 21.36 11.01
C SER B 523 -16.78 21.07 10.14
N CYS B 524 -17.02 20.79 8.88
CA CYS B 524 -15.97 20.53 7.91
C CYS B 524 -16.13 21.48 6.73
N THR B 525 -15.01 22.03 6.25
CA THR B 525 -15.01 22.99 5.17
C THR B 525 -13.93 22.64 4.16
N LEU B 526 -14.31 22.53 2.90
CA LEU B 526 -13.36 22.33 1.81
C LEU B 526 -12.93 23.70 1.30
N ASN B 527 -11.69 24.05 1.54
CA ASN B 527 -11.19 25.35 1.15
C ASN B 527 -10.79 25.48 -0.28
N ASN B 528 -10.36 26.66 -0.66
CA ASN B 528 -9.96 26.92 -2.04
C ASN B 528 -8.68 26.23 -2.41
N GLN B 529 -7.95 25.74 -1.42
CA GLN B 529 -6.73 25.02 -1.68
C GLN B 529 -7.03 23.54 -1.70
N LEU B 530 -8.31 23.20 -1.71
CA LEU B 530 -8.74 21.82 -1.76
C LEU B 530 -8.29 20.97 -0.60
N GLU B 531 -8.31 21.56 0.58
CA GLU B 531 -7.95 20.83 1.77
C GLU B 531 -9.19 20.80 2.62
N LEU B 532 -9.46 19.66 3.24
CA LEU B 532 -10.62 19.54 4.09
C LEU B 532 -10.26 19.83 5.51
N ASP B 533 -10.89 20.85 6.06
CA ASP B 533 -10.58 21.25 7.40
C ASP B 533 -11.68 20.86 8.34
N ILE B 534 -11.34 20.16 9.40
CA ILE B 534 -12.30 19.76 10.41
C ILE B 534 -11.99 20.56 11.67
N ASP B 535 -12.89 21.49 12.00
CA ASP B 535 -12.69 22.33 13.18
C ASP B 535 -12.78 21.48 14.44
N LEU B 536 -12.34 22.07 15.55
CA LEU B 536 -12.48 21.42 16.84
C LEU B 536 -13.97 21.23 17.16
N PRO B 537 -14.38 20.04 17.61
CA PRO B 537 -15.78 19.85 17.98
C PRO B 537 -16.19 20.82 19.08
N ASN B 538 -17.43 21.31 18.99
CA ASN B 538 -17.95 22.27 19.95
C ASN B 538 -19.18 21.70 20.64
N ASP B 539 -19.18 21.73 21.96
CA ASP B 539 -20.35 21.39 22.76
C ASP B 539 -21.30 22.58 22.71
N LEU B 540 -22.46 22.39 22.09
CA LEU B 540 -23.48 23.43 22.03
C LEU B 540 -24.39 23.44 23.25
N GLY B 541 -24.16 22.55 24.21
CA GLY B 541 -24.90 22.55 25.47
C GLY B 541 -25.93 21.45 25.53
N LEU B 542 -26.69 21.48 26.62
CA LEU B 542 -27.77 20.53 26.82
C LEU B 542 -28.87 20.75 25.79
N TYR B 543 -29.60 19.67 25.48
CA TYR B 543 -30.59 19.72 24.40
C TYR B 543 -31.62 20.80 24.65
N HIS B 544 -32.15 20.88 25.88
CA HIS B 544 -33.20 21.86 26.16
C HIS B 544 -32.66 23.28 26.17
N ASP B 545 -31.45 23.48 26.73
CA ASP B 545 -30.83 24.79 26.65
C ASP B 545 -30.50 25.17 25.22
N TYR B 546 -30.17 24.18 24.39
CA TYR B 546 -29.86 24.44 22.99
C TYR B 546 -31.09 24.95 22.25
N GLN B 547 -32.25 24.34 22.50
CA GLN B 547 -33.48 24.76 21.81
C GLN B 547 -33.96 26.12 22.31
N ASN B 548 -33.76 26.43 23.58
CA ASN B 548 -34.23 27.70 24.13
C ASN B 548 -33.32 28.85 23.74
N ASN B 549 -32.01 28.62 23.69
CA ASN B 549 -31.06 29.68 23.37
C ASN B 549 -31.03 30.02 21.89
N ASN B 550 -31.45 29.09 21.03
CA ASN B 550 -31.50 29.32 19.59
C ASN B 550 -32.94 29.48 19.09
N ALA B 551 -33.81 30.05 19.92
CA ALA B 551 -35.22 30.13 19.59
C ALA B 551 -35.46 30.99 18.35
N ASN B 552 -34.68 32.06 18.19
CA ASN B 552 -34.78 32.94 17.03
C ASN B 552 -33.53 32.86 16.16
N ASN B 553 -32.82 31.73 16.20
CA ASN B 553 -31.61 31.53 15.41
C ASN B 553 -31.65 30.21 14.65
N PHE B 554 -32.84 29.69 14.36
CA PHE B 554 -32.98 28.40 13.68
C PHE B 554 -32.93 28.60 12.17
N LEU B 555 -32.06 27.83 11.52
CA LEU B 555 -31.90 27.92 10.07
C LEU B 555 -33.20 27.54 9.36
N ALA B 556 -33.49 28.27 8.29
CA ALA B 556 -34.67 27.99 7.49
C ALA B 556 -34.47 26.67 6.73
N GLY B 557 -35.35 25.71 6.97
CA GLY B 557 -35.25 24.42 6.32
C GLY B 557 -36.00 23.36 7.10
N ASP B 558 -35.85 22.13 6.63
CA ASP B 558 -36.56 20.99 7.19
C ASP B 558 -35.58 19.88 7.55
N LEU B 559 -35.81 19.23 8.69
CA LEU B 559 -34.99 18.12 9.15
C LEU B 559 -35.71 16.82 8.80
N VAL B 560 -35.19 16.10 7.82
CA VAL B 560 -35.82 14.89 7.31
C VAL B 560 -35.14 13.68 7.94
N GLN B 561 -35.94 12.80 8.54
CA GLN B 561 -35.41 11.58 9.13
C GLN B 561 -34.97 10.60 8.05
N VAL B 562 -33.83 9.96 8.27
CA VAL B 562 -33.35 8.95 7.32
C VAL B 562 -34.10 7.65 7.57
N PRO B 563 -34.63 7.00 6.55
CA PRO B 563 -35.31 5.71 6.75
C PRO B 563 -34.34 4.64 7.19
N ASN B 564 -34.90 3.57 7.76
CA ASN B 564 -34.11 2.41 8.12
C ASN B 564 -33.65 1.69 6.86
N THR B 565 -32.35 1.37 6.81
CA THR B 565 -31.75 0.76 5.63
C THR B 565 -31.18 -0.61 5.91
N GLU B 566 -31.68 -1.29 6.96
CA GLU B 566 -31.09 -2.57 7.36
C GLU B 566 -31.33 -3.66 6.32
N ASN B 567 -32.46 -3.63 5.62
CA ASN B 567 -32.73 -4.64 4.61
C ASN B 567 -31.76 -4.54 3.44
N VAL B 568 -31.22 -3.35 3.17
CA VAL B 568 -30.20 -3.21 2.14
C VAL B 568 -28.97 -4.04 2.48
N HIS B 569 -28.61 -4.09 3.76
CA HIS B 569 -27.48 -4.91 4.18
C HIS B 569 -27.75 -6.39 3.96
N ASN B 570 -28.95 -6.85 4.32
CA ASN B 570 -29.29 -8.25 4.11
C ASN B 570 -29.41 -8.58 2.63
N THR B 571 -29.93 -7.65 1.83
CA THR B 571 -30.02 -7.87 0.39
C THR B 571 -28.63 -7.96 -0.24
N LEU B 572 -27.71 -7.10 0.18
CA LEU B 572 -26.36 -7.14 -0.35
C LEU B 572 -25.66 -8.44 0.00
N ASN B 573 -26.04 -9.09 1.09
CA ASN B 573 -25.47 -10.38 1.43
C ASN B 573 -25.79 -11.40 0.36
N GLN B 574 -27.02 -11.37 -0.14
CA GLN B 574 -27.41 -12.30 -1.18
C GLN B 574 -26.88 -11.88 -2.55
N VAL B 575 -26.89 -10.57 -2.84
CA VAL B 575 -26.44 -10.09 -4.14
C VAL B 575 -24.95 -10.34 -4.31
N VAL B 576 -24.16 -10.00 -3.30
CA VAL B 576 -22.70 -10.14 -3.42
C VAL B 576 -22.30 -11.61 -3.49
N ASN B 577 -23.07 -12.50 -2.88
CA ASN B 577 -22.69 -13.91 -2.83
C ASN B 577 -23.37 -14.73 -3.92
N ASP B 578 -24.33 -15.58 -3.53
CA ASP B 578 -24.89 -16.55 -4.47
C ASP B 578 -25.70 -15.89 -5.58
N GLY B 579 -26.26 -14.71 -5.34
CA GLY B 579 -27.10 -14.08 -6.34
C GLY B 579 -26.42 -13.00 -7.16
N TRP B 580 -25.12 -13.14 -7.39
CA TRP B 580 -24.39 -12.10 -8.11
C TRP B 580 -24.68 -12.11 -9.61
N LYS B 581 -25.08 -13.25 -10.16
CA LYS B 581 -25.50 -13.33 -11.55
C LYS B 581 -27.01 -13.27 -11.70
N ASN B 582 -27.74 -13.01 -10.62
CA ASN B 582 -29.19 -12.91 -10.64
C ASN B 582 -29.59 -11.45 -10.88
N ILE B 583 -30.25 -11.20 -12.02
CA ILE B 583 -30.65 -9.84 -12.36
C ILE B 583 -31.74 -9.36 -11.40
N ALA B 584 -32.62 -10.25 -10.96
CA ALA B 584 -33.71 -9.85 -10.09
C ALA B 584 -33.20 -9.46 -8.71
N GLN B 585 -32.18 -10.15 -8.22
CA GLN B 585 -31.58 -9.76 -6.94
C GLN B 585 -30.95 -8.37 -7.04
N HIS B 586 -30.25 -8.10 -8.14
CA HIS B 586 -29.72 -6.76 -8.36
C HIS B 586 -30.84 -5.74 -8.51
N ARG B 587 -31.94 -6.15 -9.15
CA ARG B 587 -33.09 -5.25 -9.30
C ARG B 587 -33.70 -4.90 -7.95
N GLY B 588 -33.82 -5.90 -7.08
CA GLY B 588 -34.35 -5.64 -5.75
C GLY B 588 -33.43 -4.80 -4.89
N LEU B 589 -32.11 -4.93 -5.11
CA LEU B 589 -31.15 -4.15 -4.34
C LEU B 589 -31.33 -2.66 -4.60
N PHE B 590 -31.46 -2.28 -5.87
CA PHE B 590 -31.60 -0.86 -6.19
C PHE B 590 -33.01 -0.36 -5.95
N GLN B 591 -34.02 -1.24 -6.01
CA GLN B 591 -35.36 -0.84 -5.62
C GLN B 591 -35.42 -0.47 -4.15
N GLU B 592 -34.65 -1.18 -3.31
CA GLU B 592 -34.60 -0.86 -1.89
C GLU B 592 -33.79 0.41 -1.64
N ILE B 593 -32.66 0.55 -2.33
CA ILE B 593 -31.90 1.79 -2.27
C ILE B 593 -32.76 2.96 -2.73
N SER B 594 -33.52 2.76 -3.81
CA SER B 594 -34.46 3.79 -4.26
C SER B 594 -35.51 4.06 -3.19
N GLY B 595 -36.01 3.02 -2.54
CA GLY B 595 -37.00 3.21 -1.50
C GLY B 595 -36.49 3.99 -0.31
N ALA B 596 -35.17 3.96 -0.08
CA ALA B 596 -34.58 4.70 1.02
C ALA B 596 -34.23 6.13 0.64
N LEU B 597 -33.80 6.35 -0.60
CA LEU B 597 -33.40 7.69 -1.03
C LEU B 597 -34.59 8.56 -1.43
N MET B 598 -35.72 7.99 -1.83
CA MET B 598 -36.85 8.79 -2.31
C MET B 598 -37.34 9.85 -1.32
N PRO B 599 -37.52 9.51 -0.04
CA PRO B 599 -37.88 10.61 0.89
C PRO B 599 -36.80 11.64 1.08
N LEU B 600 -35.58 11.39 0.59
CA LEU B 600 -34.46 12.31 0.79
C LEU B 600 -33.94 12.92 -0.50
N VAL B 601 -34.57 12.64 -1.62
CA VAL B 601 -34.06 13.11 -2.91
C VAL B 601 -33.84 14.61 -2.94
N ASP B 602 -34.79 15.36 -2.43
CA ASP B 602 -34.68 16.82 -2.40
C ASP B 602 -33.65 17.30 -1.42
N THR B 603 -33.58 16.68 -0.25
CA THR B 603 -32.57 17.06 0.74
C THR B 603 -31.16 16.66 0.37
N ILE B 604 -30.99 15.48 -0.20
CA ILE B 604 -29.66 15.04 -0.64
C ILE B 604 -29.15 15.78 -1.87
N ASN B 605 -30.05 16.09 -2.80
CA ASN B 605 -29.66 16.75 -4.03
C ASN B 605 -28.65 15.98 -4.84
N VAL B 606 -29.06 14.87 -5.39
CA VAL B 606 -28.16 14.14 -6.29
C VAL B 606 -28.09 14.89 -7.61
N ASN B 607 -27.24 15.90 -7.69
CA ASN B 607 -27.21 16.82 -8.82
C ASN B 607 -26.13 16.49 -9.85
N SER B 608 -25.39 15.40 -9.66
CA SER B 608 -24.31 15.07 -10.58
C SER B 608 -23.99 13.60 -10.48
N GLU B 609 -23.32 13.08 -11.53
CA GLU B 609 -22.92 11.69 -11.54
C GLU B 609 -21.91 11.38 -10.44
N ASP B 610 -21.09 12.37 -10.06
CA ASP B 610 -20.15 12.17 -8.95
C ASP B 610 -20.90 11.95 -7.65
N LYS B 611 -21.91 12.79 -7.37
CA LYS B 611 -22.72 12.61 -6.17
C LYS B 611 -23.41 11.25 -6.17
N PHE B 612 -23.96 10.85 -7.32
CA PHE B 612 -24.62 9.55 -7.41
C PHE B 612 -23.65 8.41 -7.15
N ARG B 613 -22.45 8.48 -7.73
CA ARG B 613 -21.49 7.40 -7.55
C ARG B 613 -20.97 7.33 -6.12
N SER B 614 -20.76 8.49 -5.49
CA SER B 614 -20.20 8.50 -4.15
C SER B 614 -21.21 8.07 -3.10
N ILE B 615 -22.50 8.35 -3.31
CA ILE B 615 -23.53 7.84 -2.41
C ILE B 615 -23.54 6.32 -2.43
N LEU B 616 -23.48 5.72 -3.63
CA LEU B 616 -23.44 4.27 -3.72
C LEU B 616 -22.12 3.72 -3.20
N HIS B 617 -21.01 4.44 -3.44
CA HIS B 617 -19.72 3.99 -2.93
C HIS B 617 -19.73 3.93 -1.41
N GLY B 618 -20.24 4.97 -0.75
CA GLY B 618 -20.33 4.94 0.69
C GLY B 618 -21.33 3.92 1.19
N THR B 619 -22.35 3.62 0.40
CA THR B 619 -23.32 2.60 0.79
C THR B 619 -22.69 1.21 0.79
N PHE B 620 -21.94 0.88 -0.27
CA PHE B 620 -21.32 -0.44 -0.36
C PHE B 620 -20.14 -0.57 0.59
N TYR B 621 -19.49 0.54 0.94
CA TYR B 621 -18.41 0.49 1.91
C TYR B 621 -18.94 0.17 3.31
N ALA B 622 -20.01 0.86 3.72
CA ALA B 622 -20.54 0.67 5.07
C ALA B 622 -21.09 -0.74 5.26
N SER B 623 -21.70 -1.32 4.22
CA SER B 623 -22.24 -2.66 4.32
C SER B 623 -21.13 -3.68 4.42
N ASP B 624 -21.33 -4.72 5.21
CA ASP B 624 -20.33 -5.77 5.36
C ASP B 624 -20.05 -6.40 4.04
N ASN B 625 -21.07 -6.51 3.21
CA ASN B 625 -20.89 -7.01 1.88
C ASN B 625 -21.32 -5.89 0.96
N PRO B 626 -20.44 -5.48 0.04
CA PRO B 626 -19.20 -6.12 -0.41
C PRO B 626 -18.00 -5.94 0.49
N TYR B 627 -16.99 -6.79 0.40
CA TYR B 627 -15.77 -6.64 1.18
C TYR B 627 -15.02 -5.47 0.66
N LYS B 628 -15.03 -5.30 -0.64
CA LYS B 628 -14.27 -4.22 -1.26
C LYS B 628 -15.10 -3.56 -2.35
N VAL B 629 -15.07 -2.23 -2.38
CA VAL B 629 -15.74 -1.44 -3.42
C VAL B 629 -14.79 -0.34 -3.86
N LEU B 630 -14.60 -0.21 -5.17
CA LEU B 630 -13.70 0.79 -5.74
C LEU B 630 -14.44 1.66 -6.72
N ALA B 631 -14.09 2.95 -6.75
CA ALA B 631 -14.72 3.92 -7.62
C ALA B 631 -13.75 4.32 -8.73
N MET B 632 -14.28 4.41 -9.95
CA MET B 632 -13.49 4.79 -11.13
C MET B 632 -12.26 3.90 -11.28
N TYR B 633 -12.49 2.59 -11.13
CA TYR B 633 -11.42 1.61 -11.22
C TYR B 633 -11.03 1.42 -12.68
N LYS B 634 -9.74 1.61 -12.98
CA LYS B 634 -9.24 1.41 -14.33
C LYS B 634 -9.08 -0.09 -14.58
N VAL B 635 -9.87 -0.62 -15.51
CA VAL B 635 -9.74 -2.04 -15.85
C VAL B 635 -8.60 -2.26 -16.83
N GLY B 636 -8.34 -1.31 -17.72
CA GLY B 636 -7.26 -1.48 -18.67
C GLY B 636 -7.31 -0.41 -19.74
N GLN B 637 -6.63 -0.68 -20.85
CA GLN B 637 -6.56 0.24 -21.98
C GLN B 637 -6.83 -0.52 -23.27
N THR B 638 -7.20 0.23 -24.30
CA THR B 638 -7.39 -0.30 -25.64
C THR B 638 -6.44 0.41 -26.60
N TYR B 639 -5.83 -0.35 -27.50
CA TYR B 639 -4.82 0.16 -28.41
C TYR B 639 -5.31 -0.01 -29.85
N SER B 640 -5.62 1.10 -30.51
CA SER B 640 -5.97 1.11 -31.91
C SER B 640 -4.77 1.58 -32.73
N LEU B 641 -4.52 0.90 -33.85
CA LEU B 641 -3.32 1.10 -34.63
C LEU B 641 -3.63 1.81 -35.95
N LYS B 642 -2.62 2.51 -36.46
CA LYS B 642 -2.67 3.13 -37.78
C LYS B 642 -1.30 2.96 -38.43
N ARG B 643 -1.28 2.47 -39.65
CA ARG B 643 0.01 2.23 -40.31
C ARG B 643 0.21 3.15 -41.47
N GLY B 644 1.42 3.69 -41.60
CA GLY B 644 1.66 4.67 -42.64
C GLY B 644 2.92 4.54 -43.46
N GLN B 645 2.90 5.15 -44.65
CA GLN B 645 4.05 5.12 -45.52
C GLN B 645 4.19 6.47 -46.20
N GLY B 649 12.80 2.75 -45.88
CA GLY B 649 11.54 3.37 -46.23
C GLY B 649 10.96 4.05 -45.02
N GLU B 650 9.84 4.76 -45.20
CA GLU B 650 9.18 5.39 -44.07
C GLU B 650 8.21 4.43 -43.43
N ARG B 651 8.54 3.94 -42.25
CA ARG B 651 7.67 3.00 -41.55
C ARG B 651 7.14 3.70 -40.31
N VAL B 652 5.90 4.17 -40.38
CA VAL B 652 5.28 4.84 -39.25
C VAL B 652 4.24 3.94 -38.62
N ILE B 653 4.37 3.71 -37.33
CA ILE B 653 3.43 2.90 -36.56
C ILE B 653 2.85 3.80 -35.48
N LEU B 654 1.55 4.07 -35.57
CA LEU B 654 0.89 4.92 -34.58
C LEU B 654 -0.07 4.13 -33.75
N THR B 655 -0.02 4.32 -32.45
CA THR B 655 -0.87 3.62 -31.49
C THR B 655 -1.62 4.64 -30.66
N ARG B 656 -2.95 4.58 -30.70
CA ARG B 656 -3.80 5.45 -29.91
C ARG B 656 -4.35 4.67 -28.73
N ILE B 657 -4.19 5.24 -27.54
CA ILE B 657 -4.60 4.59 -26.33
C ILE B 657 -5.85 5.19 -25.73
N THR B 658 -6.82 4.36 -25.44
CA THR B 658 -8.07 4.80 -24.85
C THR B 658 -8.26 3.99 -23.57
N GLU B 659 -8.51 4.64 -22.45
CA GLU B 659 -8.67 3.98 -21.17
C GLU B 659 -10.10 3.51 -20.97
N GLN B 660 -10.25 2.47 -20.15
CA GLN B 660 -11.56 1.90 -19.81
C GLN B 660 -11.67 1.82 -18.30
N ARG B 661 -12.70 2.45 -17.74
CA ARG B 661 -12.87 2.51 -16.30
C ARG B 661 -14.26 2.04 -15.90
N LEU B 662 -14.33 1.45 -14.72
CA LEU B 662 -15.59 1.01 -14.12
C LEU B 662 -15.98 2.02 -13.05
N ASP B 663 -17.20 2.56 -13.15
CA ASP B 663 -17.66 3.55 -12.17
C ASP B 663 -17.64 2.96 -10.77
N LEU B 664 -18.13 1.73 -10.62
CA LEU B 664 -18.10 1.04 -9.34
C LEU B 664 -17.77 -0.43 -9.57
N LEU B 665 -16.81 -0.95 -8.81
CA LEU B 665 -16.43 -2.35 -8.87
C LEU B 665 -16.57 -2.93 -7.47
N LEU B 666 -17.41 -3.95 -7.33
CA LEU B 666 -17.66 -4.60 -6.05
C LEU B 666 -17.00 -5.98 -6.07
N LEU B 667 -16.20 -6.27 -5.04
CA LEU B 667 -15.40 -7.49 -4.98
C LEU B 667 -15.53 -8.13 -3.60
N ARG B 668 -15.57 -9.46 -3.58
CA ARG B 668 -15.48 -10.22 -2.35
C ARG B 668 -14.01 -10.40 -1.98
N GLN B 669 -13.77 -11.05 -0.83
CA GLN B 669 -12.38 -11.32 -0.51
CA GLN B 669 -12.39 -11.34 -0.44
C GLN B 669 -12.05 -12.78 -0.80
N PRO B 670 -10.88 -13.04 -1.37
CA PRO B 670 -10.52 -14.43 -1.71
C PRO B 670 -10.36 -15.27 -0.45
N ARG B 671 -11.15 -16.34 -0.37
CA ARG B 671 -11.09 -17.28 0.74
C ARG B 671 -10.64 -18.64 0.24
N GLU B 672 -10.22 -19.49 1.18
CA GLU B 672 -9.65 -20.78 0.81
C GLU B 672 -10.67 -21.64 0.06
N ASN B 673 -11.92 -21.61 0.48
CA ASN B 673 -12.95 -22.43 -0.16
C ASN B 673 -13.43 -21.80 -1.47
N ASP B 674 -13.53 -20.47 -1.50
CA ASP B 674 -14.01 -19.76 -2.68
C ASP B 674 -13.02 -18.65 -3.04
N LEU B 675 -12.29 -18.85 -4.14
CA LEU B 675 -11.39 -17.83 -4.66
C LEU B 675 -12.03 -16.96 -5.73
N ASP B 676 -13.31 -17.20 -6.05
CA ASP B 676 -14.05 -16.38 -6.98
C ASP B 676 -14.56 -15.14 -6.25
N THR B 677 -13.99 -13.98 -6.55
CA THR B 677 -14.35 -12.74 -5.87
C THR B 677 -15.69 -12.18 -6.33
N HIS B 678 -16.36 -12.85 -7.25
CA HIS B 678 -17.67 -12.41 -7.77
C HIS B 678 -17.66 -10.94 -8.17
N PRO B 679 -16.82 -10.54 -9.13
CA PRO B 679 -16.71 -9.12 -9.46
C PRO B 679 -18.01 -8.58 -10.04
N ILE B 680 -18.51 -7.51 -9.43
CA ILE B 680 -19.71 -6.82 -9.89
C ILE B 680 -19.32 -5.40 -10.27
N GLY B 681 -19.65 -5.02 -11.49
CA GLY B 681 -19.34 -3.69 -12.01
C GLY B 681 -20.62 -2.95 -12.38
N TYR B 682 -20.65 -1.67 -12.05
CA TYR B 682 -21.80 -0.82 -12.32
C TYR B 682 -21.36 0.38 -13.15
N VAL B 683 -22.08 0.65 -14.23
CA VAL B 683 -21.89 1.86 -15.02
C VAL B 683 -23.00 2.82 -14.65
N LEU B 684 -22.62 3.97 -14.09
CA LEU B 684 -23.58 4.91 -13.53
C LEU B 684 -23.73 6.12 -14.44
N ARG B 685 -24.95 6.59 -14.60
CA ARG B 685 -25.22 7.78 -15.38
C ARG B 685 -26.30 8.55 -14.65
N LEU B 686 -26.38 9.84 -14.85
CA LEU B 686 -27.45 10.64 -14.25
C LEU B 686 -28.31 11.33 -15.27
N ALA B 687 -29.62 11.19 -15.13
CA ALA B 687 -30.55 11.85 -16.03
C ALA B 687 -31.24 12.99 -15.34
N ASN B 688 -31.02 14.20 -15.81
CA ASN B 688 -31.59 15.37 -15.16
C ASN B 688 -33.07 15.53 -15.48
N ASN B 689 -33.51 15.05 -16.64
CA ASN B 689 -34.92 15.11 -17.01
CA ASN B 689 -34.90 15.13 -17.07
C ASN B 689 -35.36 13.77 -17.55
N ALA B 690 -36.69 13.56 -17.51
CA ALA B 690 -37.27 12.31 -18.00
C ALA B 690 -37.02 12.11 -19.49
N GLU B 691 -36.79 13.18 -20.25
CA GLU B 691 -36.45 13.04 -21.66
C GLU B 691 -34.98 12.64 -21.84
N GLU B 692 -34.12 13.03 -20.90
CA GLU B 692 -32.71 12.65 -20.94
C GLU B 692 -32.48 11.20 -20.54
N VAL B 693 -33.53 10.48 -20.15
CA VAL B 693 -33.38 9.12 -19.62
C VAL B 693 -32.86 8.17 -20.70
N GLY B 694 -33.53 8.16 -21.86
CA GLY B 694 -33.20 7.19 -22.88
C GLY B 694 -31.77 7.33 -23.38
N GLN B 695 -31.29 8.56 -23.51
CA GLN B 695 -29.91 8.77 -23.96
C GLN B 695 -28.91 8.31 -22.90
N GLN B 696 -29.22 8.52 -21.63
CA GLN B 696 -28.32 8.10 -20.57
C GLN B 696 -28.23 6.59 -20.47
N GLN B 697 -29.37 5.90 -20.61
CA GLN B 697 -29.36 4.43 -20.57
C GLN B 697 -28.57 3.86 -21.74
N ASN B 698 -28.80 4.38 -22.94
CA ASN B 698 -28.07 3.91 -24.11
C ASN B 698 -26.57 4.13 -23.95
N ASP B 699 -26.18 5.31 -23.45
CA ASP B 699 -24.76 5.58 -23.24
C ASP B 699 -24.16 4.60 -22.23
N ALA B 700 -24.91 4.28 -21.18
CA ALA B 700 -24.43 3.30 -20.20
C ALA B 700 -24.30 1.92 -20.84
N ARG B 701 -25.27 1.54 -21.69
CA ARG B 701 -25.18 0.25 -22.36
C ARG B 701 -24.03 0.21 -23.35
N GLN B 702 -23.72 1.33 -23.99
CA GLN B 702 -22.60 1.35 -24.93
C GLN B 702 -21.27 1.19 -24.20
N GLU B 703 -21.16 1.76 -23.00
CA GLU B 703 -19.91 1.62 -22.24
C GLU B 703 -19.70 0.18 -21.79
N ILE B 704 -20.77 -0.52 -21.44
CA ILE B 704 -20.66 -1.92 -21.05
C ILE B 704 -20.15 -2.75 -22.22
N GLY B 705 -20.65 -2.47 -23.42
CA GLY B 705 -20.16 -3.17 -24.60
C GLY B 705 -18.68 -2.98 -24.84
N ARG B 706 -18.15 -1.81 -24.49
CA ARG B 706 -16.72 -1.58 -24.59
C ARG B 706 -15.96 -2.20 -23.43
N LEU B 707 -16.58 -2.26 -22.25
CA LEU B 707 -15.95 -2.95 -21.13
C LEU B 707 -15.84 -4.45 -21.39
N LYS B 708 -16.76 -5.00 -22.18
CA LYS B 708 -16.70 -6.42 -22.54
C LYS B 708 -15.58 -6.72 -23.53
N LYS B 709 -14.97 -5.69 -24.13
CA LYS B 709 -13.78 -5.88 -24.94
C LYS B 709 -12.53 -6.06 -24.08
N GLN B 710 -12.57 -5.61 -22.83
CA GLN B 710 -11.46 -5.79 -21.91
C GLN B 710 -11.52 -7.18 -21.29
N HIS B 711 -10.36 -7.80 -21.16
CA HIS B 711 -10.28 -9.12 -20.58
C HIS B 711 -9.13 -9.18 -19.60
N ARG B 712 -7.91 -8.99 -20.06
CA ARG B 712 -6.74 -9.09 -19.19
C ARG B 712 -6.81 -8.16 -17.98
N GLY B 713 -7.73 -7.19 -17.98
CA GLY B 713 -7.89 -6.36 -16.80
C GLY B 713 -8.77 -6.99 -15.73
N PHE B 714 -9.69 -7.84 -16.11
CA PHE B 714 -10.56 -8.49 -15.16
C PHE B 714 -10.00 -9.83 -14.70
N ILE B 715 -9.03 -10.38 -15.42
CA ILE B 715 -8.50 -11.70 -15.08
C ILE B 715 -7.76 -11.76 -13.72
N PRO B 716 -6.90 -10.78 -13.37
CA PRO B 716 -6.22 -10.89 -12.06
C PRO B 716 -7.10 -10.54 -10.88
N ILE B 717 -8.31 -10.08 -11.11
CA ILE B 717 -9.20 -9.68 -10.03
C ILE B 717 -10.06 -10.81 -9.51
N THR B 718 -10.05 -11.94 -10.19
CA THR B 718 -10.86 -13.08 -9.78
C THR B 718 -10.23 -14.36 -10.30
N SER B 719 -10.53 -15.46 -9.61
CA SER B 719 -10.16 -16.78 -10.08
C SER B 719 -11.24 -17.41 -10.95
N GLY B 720 -12.45 -16.85 -10.95
CA GLY B 720 -13.51 -17.31 -11.81
C GLY B 720 -13.31 -16.85 -13.24
N ASN B 721 -14.34 -17.07 -14.06
CA ASN B 721 -14.26 -16.78 -15.48
C ASN B 721 -15.43 -15.91 -15.96
N GLU B 722 -16.06 -15.16 -15.07
CA GLU B 722 -17.16 -14.30 -15.48
C GLU B 722 -17.20 -13.05 -14.61
N VAL B 723 -17.70 -11.97 -15.20
CA VAL B 723 -17.84 -10.68 -14.54
C VAL B 723 -19.26 -10.18 -14.79
N VAL B 724 -19.86 -9.57 -13.78
CA VAL B 724 -21.21 -9.04 -13.89
C VAL B 724 -21.15 -7.53 -14.07
N LEU B 725 -21.80 -7.03 -15.12
CA LEU B 725 -21.80 -5.61 -15.45
C LEU B 725 -23.23 -5.15 -15.65
N PHE B 726 -23.61 -4.06 -14.99
CA PHE B 726 -24.98 -3.55 -15.06
C PHE B 726 -24.99 -2.05 -15.30
N PRO B 727 -25.89 -1.58 -16.16
CA PRO B 727 -26.03 -0.13 -16.36
C PRO B 727 -27.07 0.48 -15.43
N ILE B 728 -26.70 1.52 -14.70
CA ILE B 728 -27.56 2.16 -13.71
C ILE B 728 -27.71 3.63 -14.08
N VAL B 729 -28.94 4.13 -14.00
CA VAL B 729 -29.25 5.52 -14.34
C VAL B 729 -30.09 6.11 -13.22
N PHE B 730 -29.64 7.24 -12.68
CA PHE B 730 -30.38 7.97 -11.65
C PHE B 730 -31.35 8.93 -12.32
N ASN B 731 -32.65 8.73 -12.09
CA ASN B 731 -33.70 9.54 -12.67
C ASN B 731 -34.07 10.62 -11.67
N ARG B 732 -33.57 11.84 -11.88
CA ARG B 732 -33.81 12.92 -10.94
C ARG B 732 -35.28 13.31 -10.87
N ASP B 733 -36.00 13.23 -11.98
CA ASP B 733 -37.39 13.65 -12.05
C ASP B 733 -38.37 12.48 -11.88
N ALA B 734 -37.97 11.45 -11.13
CA ALA B 734 -38.83 10.29 -10.97
C ALA B 734 -40.05 10.62 -10.12
N HIS B 735 -41.22 10.15 -10.47
CA HIS B 735 -42.35 10.44 -9.63
C HIS B 735 -42.32 9.60 -8.36
N GLU B 736 -42.06 8.31 -8.50
CA GLU B 736 -42.06 7.44 -7.35
C GLU B 736 -40.70 6.78 -7.17
N ALA B 737 -40.54 6.03 -6.10
CA ALA B 737 -39.27 5.37 -5.84
C ALA B 737 -39.01 4.26 -6.84
N GLY B 738 -40.05 3.69 -7.44
CA GLY B 738 -39.88 2.63 -8.41
C GLY B 738 -39.10 3.04 -9.63
N ASN B 739 -39.02 4.35 -9.91
CA ASN B 739 -38.33 4.87 -11.08
CA ASN B 739 -38.33 4.87 -11.08
C ASN B 739 -37.17 5.80 -10.72
N LEU B 740 -36.78 5.85 -9.44
CA LEU B 740 -35.68 6.73 -9.05
C LEU B 740 -34.37 6.25 -9.64
N ILE B 741 -33.98 5.01 -9.34
CA ILE B 741 -32.79 4.39 -9.90
C ILE B 741 -33.27 3.40 -10.95
N LEU B 742 -32.94 3.66 -12.22
CA LEU B 742 -33.43 2.86 -13.33
C LEU B 742 -32.51 1.66 -13.53
N PHE B 743 -33.09 0.46 -13.47
CA PHE B 743 -32.39 -0.81 -13.62
C PHE B 743 -32.95 -1.57 -14.81
N PRO B 744 -32.12 -2.29 -15.55
CA PRO B 744 -32.62 -3.02 -16.73
C PRO B 744 -33.73 -4.00 -16.37
N GLU B 745 -34.79 -3.98 -17.19
CA GLU B 745 -35.94 -4.85 -16.98
C GLU B 745 -35.75 -6.25 -17.57
N GLY B 746 -34.79 -6.41 -18.47
CA GLY B 746 -34.55 -7.70 -19.04
C GLY B 746 -35.46 -8.08 -20.19
N ILE B 747 -35.35 -7.38 -21.30
CA ILE B 747 -36.20 -7.65 -22.42
C ILE B 747 -35.36 -8.11 -23.60
N GLU B 750 -30.01 -11.51 -22.10
CA GLU B 750 -28.94 -11.58 -21.11
C GLU B 750 -27.69 -10.87 -21.62
N GLU B 751 -27.31 -9.80 -20.94
CA GLU B 751 -26.15 -9.03 -21.36
C GLU B 751 -25.35 -8.49 -20.16
N HIS B 752 -25.56 -9.06 -18.98
CA HIS B 752 -24.84 -8.61 -17.80
C HIS B 752 -23.68 -9.52 -17.41
N VAL B 753 -23.71 -10.79 -17.79
CA VAL B 753 -22.63 -11.72 -17.46
C VAL B 753 -21.65 -11.76 -18.62
N HIS B 754 -20.39 -11.42 -18.34
CA HIS B 754 -19.34 -11.34 -19.34
C HIS B 754 -18.31 -12.43 -19.06
N ARG B 755 -18.27 -13.44 -19.91
CA ARG B 755 -17.29 -14.52 -19.75
C ARG B 755 -15.90 -14.02 -20.08
N LEU B 756 -14.94 -14.43 -19.26
CA LEU B 756 -13.54 -14.00 -19.41
C LEU B 756 -12.76 -15.03 -20.21
N ASP B 757 -11.89 -14.54 -21.08
CA ASP B 757 -11.05 -15.40 -21.94
C ASP B 757 -9.68 -15.54 -21.27
N ARG B 758 -9.38 -16.75 -20.81
CA ARG B 758 -8.10 -17.01 -20.15
C ARG B 758 -7.15 -17.75 -21.10
#